data_5LBJ
#
_entry.id   5LBJ
#
_entity_poly.entity_id   1
_entity_poly.type   'polypeptide(L)'
_entity_poly.pdbx_seq_one_letter_code
;MTFAELGMAFWHDLAAPVIAGILASMIVNWLNKRK
;
_entity_poly.pdbx_strand_id   A
#
# COMPACT_ATOMS: atom_id res chain seq x y z
N MET A 1 24.85 12.26 2.26
CA MET A 1 23.59 11.56 1.86
C MET A 1 22.69 12.49 1.05
N THR A 2 21.88 11.91 0.17
CA THR A 2 20.97 12.68 -0.66
C THR A 2 19.52 12.41 -0.30
N PHE A 3 18.78 13.49 -0.02
CA PHE A 3 17.37 13.38 0.32
C PHE A 3 16.57 12.80 -0.83
N ALA A 4 16.99 13.13 -2.05
CA ALA A 4 16.30 12.64 -3.25
C ALA A 4 16.52 11.14 -3.42
N GLU A 5 17.75 10.69 -3.21
CA GLU A 5 18.07 9.27 -3.34
C GLU A 5 17.35 8.47 -2.26
N LEU A 6 17.12 9.10 -1.12
CA LEU A 6 16.43 8.46 -0.01
C LEU A 6 14.93 8.72 -0.11
N GLY A 7 14.56 9.67 -0.97
CA GLY A 7 13.17 10.01 -1.13
C GLY A 7 12.38 8.92 -1.81
N MET A 8 12.94 8.35 -2.89
CA MET A 8 12.28 7.29 -3.63
C MET A 8 12.24 5.99 -2.82
N ALA A 9 13.35 5.68 -2.15
CA ALA A 9 13.44 4.48 -1.34
C ALA A 9 12.51 4.57 -0.13
N PHE A 10 12.47 5.72 0.50
CA PHE A 10 11.62 5.95 1.66
C PHE A 10 10.14 5.99 1.27
N TRP A 11 9.84 6.66 0.17
CA TRP A 11 8.46 6.76 -0.29
C TRP A 11 7.93 5.40 -0.72
N HIS A 12 8.75 4.65 -1.44
CA HIS A 12 8.36 3.32 -1.90
C HIS A 12 8.22 2.36 -0.74
N ASP A 13 9.14 2.46 0.22
CA ASP A 13 9.12 1.60 1.40
C ASP A 13 7.89 1.86 2.26
N LEU A 14 7.56 3.13 2.46
CA LEU A 14 6.40 3.50 3.26
C LEU A 14 5.12 3.22 2.49
N ALA A 15 5.19 3.32 1.17
CA ALA A 15 4.04 3.09 0.31
C ALA A 15 3.65 1.61 0.28
N ALA A 16 4.65 0.74 0.37
CA ALA A 16 4.41 -0.71 0.34
C ALA A 16 3.29 -1.11 1.31
N PRO A 17 3.41 -0.78 2.62
CA PRO A 17 2.39 -1.12 3.62
C PRO A 17 1.12 -0.28 3.47
N VAL A 18 1.27 0.93 2.91
CA VAL A 18 0.14 1.82 2.72
C VAL A 18 -0.81 1.28 1.66
N ILE A 19 -0.25 0.90 0.52
CA ILE A 19 -1.03 0.35 -0.59
C ILE A 19 -1.56 -1.04 -0.25
N ALA A 20 -0.69 -1.87 0.33
CA ALA A 20 -1.07 -3.22 0.70
C ALA A 20 -2.15 -3.22 1.79
N GLY A 21 -2.06 -2.25 2.70
CA GLY A 21 -3.03 -2.16 3.78
C GLY A 21 -4.41 -1.80 3.26
N ILE A 22 -4.47 -0.80 2.38
CA ILE A 22 -5.73 -0.36 1.81
C ILE A 22 -6.31 -1.43 0.89
N LEU A 23 -5.43 -2.13 0.17
CA LEU A 23 -5.85 -3.18 -0.74
C LEU A 23 -6.46 -4.35 0.02
N ALA A 24 -5.95 -4.61 1.21
CA ALA A 24 -6.45 -5.70 2.05
C ALA A 24 -7.93 -5.52 2.36
N SER A 25 -8.30 -4.30 2.75
CA SER A 25 -9.69 -3.99 3.09
C SER A 25 -10.59 -4.17 1.87
N MET A 26 -10.09 -3.80 0.70
CA MET A 26 -10.85 -3.92 -0.54
C MET A 26 -11.13 -5.38 -0.87
N ILE A 27 -10.08 -6.20 -0.81
CA ILE A 27 -10.21 -7.62 -1.09
C ILE A 27 -11.19 -8.31 -0.15
N VAL A 28 -11.09 -7.98 1.14
CA VAL A 28 -11.99 -8.56 2.13
C VAL A 28 -13.43 -8.14 1.89
N ASN A 29 -13.61 -6.86 1.59
CA ASN A 29 -14.95 -6.32 1.32
C ASN A 29 -15.59 -7.05 0.14
N TRP A 30 -14.79 -7.33 -0.88
CA TRP A 30 -15.27 -8.03 -2.07
C TRP A 30 -15.72 -9.44 -1.71
N LEU A 31 -14.87 -10.14 -0.96
CA LEU A 31 -15.18 -11.52 -0.55
C LEU A 31 -16.41 -11.56 0.35
N ASN A 32 -16.63 -10.49 1.11
CA ASN A 32 -17.78 -10.42 2.00
C ASN A 32 -19.08 -10.34 1.19
N LYS A 33 -18.96 -9.90 -0.05
CA LYS A 33 -20.11 -9.78 -0.94
C LYS A 33 -20.43 -11.13 -1.58
N ARG A 34 -19.42 -11.99 -1.70
CA ARG A 34 -19.60 -13.30 -2.30
C ARG A 34 -20.37 -14.23 -1.37
N LYS A 35 -20.42 -13.87 -0.08
CA LYS A 35 -21.13 -14.68 0.91
C LYS A 35 -20.58 -16.10 0.96
N MET A 1 24.19 13.76 2.59
CA MET A 1 23.24 12.82 1.93
C MET A 1 22.19 13.60 1.12
N THR A 2 21.70 12.97 0.06
CA THR A 2 20.69 13.59 -0.79
C THR A 2 19.28 13.20 -0.37
N PHE A 3 18.45 14.19 -0.12
CA PHE A 3 17.06 13.95 0.28
C PHE A 3 16.30 13.25 -0.82
N ALA A 4 16.64 13.58 -2.07
CA ALA A 4 15.98 12.98 -3.22
C ALA A 4 16.32 11.50 -3.32
N GLU A 5 17.58 11.17 -3.07
CA GLU A 5 18.04 9.78 -3.12
C GLU A 5 17.33 8.97 -2.05
N LEU A 6 17.08 9.60 -0.90
CA LEU A 6 16.41 8.92 0.20
C LEU A 6 14.90 9.04 0.04
N GLY A 7 14.48 9.92 -0.87
CA GLY A 7 13.06 10.12 -1.11
C GLY A 7 12.40 8.91 -1.75
N MET A 8 13.05 8.37 -2.77
CA MET A 8 12.52 7.20 -3.48
C MET A 8 12.53 5.96 -2.60
N ALA A 9 13.66 5.71 -1.94
CA ALA A 9 13.79 4.55 -1.07
C ALA A 9 12.80 4.60 0.08
N PHE A 10 12.68 5.77 0.70
CA PHE A 10 11.76 5.95 1.83
C PHE A 10 10.30 5.88 1.37
N TRP A 11 10.00 6.51 0.24
CA TRP A 11 8.63 6.51 -0.27
C TRP A 11 8.22 5.10 -0.68
N HIS A 12 9.13 4.36 -1.30
CA HIS A 12 8.85 3.00 -1.73
C HIS A 12 8.68 2.07 -0.54
N ASP A 13 9.52 2.26 0.48
CA ASP A 13 9.47 1.44 1.68
C ASP A 13 8.18 1.69 2.46
N LEU A 14 7.79 2.95 2.59
CA LEU A 14 6.58 3.31 3.31
C LEU A 14 5.34 2.95 2.51
N ALA A 15 5.46 2.99 1.18
CA ALA A 15 4.36 2.68 0.29
C ALA A 15 4.01 1.19 0.33
N ALA A 16 5.02 0.34 0.48
CA ALA A 16 4.82 -1.11 0.50
C ALA A 16 3.68 -1.50 1.44
N PRO A 17 3.71 -1.08 2.72
CA PRO A 17 2.65 -1.41 3.68
C PRO A 17 1.36 -0.62 3.43
N VAL A 18 1.50 0.55 2.80
CA VAL A 18 0.36 1.40 2.51
C VAL A 18 -0.53 0.78 1.43
N ILE A 19 0.08 0.34 0.35
CA ILE A 19 -0.63 -0.27 -0.77
C ILE A 19 -1.19 -1.63 -0.38
N ALA A 20 -0.39 -2.41 0.34
CA ALA A 20 -0.80 -3.74 0.76
C ALA A 20 -1.99 -3.67 1.72
N GLY A 21 -2.00 -2.64 2.56
CA GLY A 21 -3.08 -2.48 3.52
C GLY A 21 -4.41 -2.15 2.85
N ILE A 22 -4.38 -1.22 1.90
CA ILE A 22 -5.59 -0.83 1.19
C ILE A 22 -6.09 -1.95 0.29
N LEU A 23 -5.15 -2.66 -0.34
CA LEU A 23 -5.51 -3.76 -1.23
C LEU A 23 -6.23 -4.86 -0.47
N ALA A 24 -5.79 -5.10 0.76
CA ALA A 24 -6.39 -6.13 1.60
C ALA A 24 -7.84 -5.78 1.92
N SER A 25 -8.11 -4.48 2.09
CA SER A 25 -9.46 -4.02 2.39
C SER A 25 -10.41 -4.36 1.24
N MET A 26 -9.98 -4.05 0.02
CA MET A 26 -10.80 -4.33 -1.16
C MET A 26 -11.14 -5.81 -1.26
N ILE A 27 -10.16 -6.66 -0.96
CA ILE A 27 -10.37 -8.10 -1.00
C ILE A 27 -11.42 -8.53 0.01
N VAL A 28 -11.32 -8.02 1.22
CA VAL A 28 -12.27 -8.34 2.28
C VAL A 28 -13.68 -7.89 1.92
N ASN A 29 -13.80 -6.66 1.42
CA ASN A 29 -15.10 -6.11 1.04
C ASN A 29 -15.75 -6.96 -0.06
N TRP A 30 -14.94 -7.43 -1.00
CA TRP A 30 -15.43 -8.25 -2.09
C TRP A 30 -15.97 -9.59 -1.59
N LEU A 31 -15.15 -10.28 -0.79
CA LEU A 31 -15.55 -11.57 -0.24
C LEU A 31 -16.74 -11.45 0.70
N ASN A 32 -16.84 -10.29 1.37
CA ASN A 32 -17.92 -10.05 2.33
C ASN A 32 -19.26 -9.77 1.63
N LYS A 33 -19.22 -9.45 0.34
CA LYS A 33 -20.45 -9.15 -0.40
C LYS A 33 -20.89 -10.35 -1.25
N ARG A 34 -19.93 -11.17 -1.66
CA ARG A 34 -20.24 -12.34 -2.49
C ARG A 34 -20.67 -13.51 -1.62
N LYS A 35 -21.06 -13.22 -0.37
CA LYS A 35 -21.50 -14.25 0.56
C LYS A 35 -22.77 -14.94 0.07
N MET A 1 -24.58 -12.26 0.85
CA MET A 1 -23.42 -12.03 -0.06
C MET A 1 -22.27 -12.96 0.29
N THR A 2 -21.54 -13.38 -0.74
CA THR A 2 -20.40 -14.28 -0.56
C THR A 2 -19.20 -13.54 -0.01
N PHE A 3 -18.64 -14.07 1.08
CA PHE A 3 -17.47 -13.47 1.70
C PHE A 3 -16.27 -13.52 0.77
N ALA A 4 -16.20 -14.58 -0.04
CA ALA A 4 -15.10 -14.76 -0.98
C ALA A 4 -15.15 -13.68 -2.06
N GLU A 5 -16.36 -13.34 -2.50
CA GLU A 5 -16.55 -12.32 -3.52
C GLU A 5 -16.19 -10.94 -2.96
N LEU A 6 -16.65 -10.66 -1.76
CA LEU A 6 -16.38 -9.37 -1.11
C LEU A 6 -14.97 -9.36 -0.53
N GLY A 7 -14.37 -10.54 -0.44
CA GLY A 7 -13.03 -10.65 0.12
C GLY A 7 -11.98 -10.02 -0.76
N MET A 8 -12.03 -10.33 -2.06
CA MET A 8 -11.07 -9.79 -3.01
C MET A 8 -11.27 -8.29 -3.21
N ALA A 9 -12.52 -7.88 -3.37
CA ALA A 9 -12.83 -6.46 -3.57
C ALA A 9 -12.43 -5.63 -2.37
N PHE A 10 -12.76 -6.14 -1.18
CA PHE A 10 -12.44 -5.44 0.06
C PHE A 10 -10.94 -5.43 0.33
N TRP A 11 -10.28 -6.57 0.11
CA TRP A 11 -8.84 -6.66 0.32
C TRP A 11 -8.08 -5.76 -0.65
N HIS A 12 -8.51 -5.75 -1.90
CA HIS A 12 -7.86 -4.94 -2.92
C HIS A 12 -8.11 -3.45 -2.65
N ASP A 13 -9.32 -3.12 -2.22
CA ASP A 13 -9.68 -1.74 -1.93
C ASP A 13 -8.94 -1.21 -0.70
N LEU A 14 -8.85 -2.02 0.34
CA LEU A 14 -8.17 -1.62 1.57
C LEU A 14 -6.66 -1.61 1.37
N ALA A 15 -6.16 -2.48 0.50
CA ALA A 15 -4.73 -2.57 0.23
C ALA A 15 -4.22 -1.36 -0.53
N ALA A 16 -5.06 -0.82 -1.41
CA ALA A 16 -4.68 0.34 -2.21
C ALA A 16 -4.07 1.46 -1.35
N PRO A 17 -4.77 1.93 -0.30
CA PRO A 17 -4.25 2.99 0.58
C PRO A 17 -3.13 2.50 1.48
N VAL A 18 -3.12 1.21 1.76
CA VAL A 18 -2.11 0.61 2.62
C VAL A 18 -0.75 0.59 1.95
N ILE A 19 -0.72 0.13 0.70
CA ILE A 19 0.51 0.06 -0.07
C ILE A 19 1.03 1.45 -0.43
N ALA A 20 0.11 2.32 -0.83
CA ALA A 20 0.47 3.68 -1.21
C ALA A 20 1.09 4.43 -0.04
N GLY A 21 0.58 4.16 1.16
CA GLY A 21 1.10 4.82 2.35
C GLY A 21 2.52 4.38 2.68
N ILE A 22 2.75 3.07 2.62
CA ILE A 22 4.07 2.51 2.91
C ILE A 22 5.07 2.91 1.83
N LEU A 23 4.59 2.96 0.59
CA LEU A 23 5.44 3.33 -0.54
C LEU A 23 5.97 4.74 -0.36
N ALA A 24 5.11 5.63 0.14
CA ALA A 24 5.49 7.02 0.37
C ALA A 24 6.63 7.11 1.37
N SER A 25 6.62 6.22 2.36
CA SER A 25 7.68 6.20 3.37
C SER A 25 9.02 5.84 2.73
N MET A 26 8.99 4.92 1.79
CA MET A 26 10.20 4.48 1.10
C MET A 26 10.72 5.59 0.18
N ILE A 27 9.83 6.31 -0.46
CA ILE A 27 10.23 7.40 -1.34
C ILE A 27 10.98 8.44 -0.54
N VAL A 28 10.48 8.73 0.66
CA VAL A 28 11.10 9.71 1.54
C VAL A 28 12.44 9.19 2.08
N ASN A 29 12.42 8.00 2.67
CA ASN A 29 13.64 7.41 3.22
C ASN A 29 14.70 7.22 2.14
N TRP A 30 14.24 7.04 0.90
CA TRP A 30 15.15 6.86 -0.23
C TRP A 30 15.87 8.17 -0.53
N LEU A 31 15.09 9.25 -0.68
CA LEU A 31 15.66 10.56 -0.97
C LEU A 31 16.50 11.05 0.20
N ASN A 32 16.16 10.58 1.40
CA ASN A 32 16.88 10.98 2.61
C ASN A 32 18.31 10.45 2.62
N LYS A 33 18.49 9.21 2.17
CA LYS A 33 19.81 8.59 2.14
C LYS A 33 20.67 9.16 1.02
N ARG A 34 20.04 9.53 -0.09
CA ARG A 34 20.76 10.09 -1.23
C ARG A 34 20.81 11.61 -1.14
N LYS A 35 20.18 12.16 -0.11
CA LYS A 35 20.15 13.60 0.11
C LYS A 35 19.57 14.32 -1.10
N MET A 1 -24.41 -11.07 -1.16
CA MET A 1 -23.24 -11.54 -1.93
C MET A 1 -22.44 -12.57 -1.14
N THR A 2 -21.32 -12.99 -1.70
CA THR A 2 -20.46 -13.99 -1.06
C THR A 2 -19.31 -13.32 -0.33
N PHE A 3 -19.01 -13.81 0.88
CA PHE A 3 -17.93 -13.27 1.68
C PHE A 3 -16.59 -13.48 0.98
N ALA A 4 -16.46 -14.60 0.27
CA ALA A 4 -15.23 -14.92 -0.45
C ALA A 4 -15.05 -13.98 -1.64
N GLU A 5 -16.16 -13.71 -2.33
CA GLU A 5 -16.12 -12.82 -3.49
C GLU A 5 -15.88 -11.38 -3.06
N LEU A 6 -16.39 -11.01 -1.89
CA LEU A 6 -16.22 -9.66 -1.37
C LEU A 6 -14.94 -9.56 -0.56
N GLY A 7 -14.37 -10.70 -0.21
CA GLY A 7 -13.14 -10.71 0.57
C GLY A 7 -11.95 -10.18 -0.20
N MET A 8 -11.81 -10.65 -1.44
CA MET A 8 -10.70 -10.21 -2.29
C MET A 8 -10.90 -8.78 -2.75
N ALA A 9 -12.12 -8.45 -3.14
CA ALA A 9 -12.44 -7.10 -3.60
C ALA A 9 -12.22 -6.07 -2.49
N PHE A 10 -12.70 -6.40 -1.29
CA PHE A 10 -12.57 -5.52 -0.14
C PHE A 10 -11.12 -5.42 0.32
N TRP A 11 -10.45 -6.56 0.45
CA TRP A 11 -9.06 -6.58 0.88
C TRP A 11 -8.17 -5.83 -0.10
N HIS A 12 -8.40 -6.03 -1.39
CA HIS A 12 -7.62 -5.37 -2.42
C HIS A 12 -7.87 -3.86 -2.43
N ASP A 13 -9.14 -3.49 -2.23
CA ASP A 13 -9.52 -2.08 -2.23
C ASP A 13 -8.90 -1.35 -1.04
N LEU A 14 -8.93 -1.98 0.13
CA LEU A 14 -8.36 -1.39 1.33
C LEU A 14 -6.84 -1.43 1.30
N ALA A 15 -6.30 -2.45 0.64
CA ALA A 15 -4.85 -2.61 0.54
C ALA A 15 -4.23 -1.56 -0.38
N ALA A 16 -4.95 -1.19 -1.43
CA ALA A 16 -4.45 -0.19 -2.38
C ALA A 16 -3.89 1.05 -1.68
N PRO A 17 -4.66 1.71 -0.80
CA PRO A 17 -4.20 2.90 -0.07
C PRO A 17 -3.18 2.55 1.02
N VAL A 18 -3.25 1.32 1.52
CA VAL A 18 -2.34 0.87 2.57
C VAL A 18 -0.92 0.72 2.05
N ILE A 19 -0.79 0.05 0.91
CA ILE A 19 0.51 -0.17 0.30
C ILE A 19 1.11 1.11 -0.25
N ALA A 20 0.25 1.92 -0.88
CA ALA A 20 0.69 3.19 -1.47
C ALA A 20 1.18 4.15 -0.38
N GLY A 21 0.48 4.17 0.75
CA GLY A 21 0.85 5.05 1.84
C GLY A 21 2.23 4.72 2.38
N ILE A 22 2.49 3.43 2.60
CA ILE A 22 3.78 2.99 3.12
C ILE A 22 4.89 3.21 2.09
N LEU A 23 4.54 3.03 0.82
CA LEU A 23 5.49 3.20 -0.27
C LEU A 23 5.97 4.64 -0.33
N ALA A 24 5.08 5.57 -0.01
CA ALA A 24 5.41 6.99 -0.03
C ALA A 24 6.52 7.31 0.96
N SER A 25 6.39 6.79 2.18
CA SER A 25 7.38 7.02 3.22
C SER A 25 8.74 6.49 2.78
N MET A 26 8.73 5.40 2.02
CA MET A 26 9.96 4.79 1.53
C MET A 26 10.62 5.66 0.48
N ILE A 27 9.81 6.18 -0.43
CA ILE A 27 10.33 7.05 -1.49
C ILE A 27 10.99 8.27 -0.87
N VAL A 28 10.36 8.82 0.16
CA VAL A 28 10.90 9.99 0.85
C VAL A 28 12.19 9.64 1.59
N ASN A 29 12.16 8.51 2.33
CA ASN A 29 13.32 8.09 3.09
C ASN A 29 14.50 7.80 2.17
N TRP A 30 14.18 7.42 0.93
CA TRP A 30 15.21 7.11 -0.06
C TRP A 30 15.92 8.39 -0.50
N LEU A 31 15.14 9.39 -0.89
CA LEU A 31 15.68 10.67 -1.31
C LEU A 31 16.41 11.39 -0.17
N ASN A 32 15.97 11.12 1.05
CA ASN A 32 16.55 11.76 2.23
C ASN A 32 17.95 11.22 2.54
N LYS A 33 18.13 9.92 2.36
CA LYS A 33 19.42 9.29 2.65
C LYS A 33 20.41 9.49 1.50
N ARG A 34 19.91 9.39 0.26
CA ARG A 34 20.77 9.56 -0.91
C ARG A 34 21.20 11.02 -1.07
N LYS A 35 20.26 11.93 -0.82
CA LYS A 35 20.50 13.38 -0.93
C LYS A 35 21.53 13.70 -2.02
N MET A 1 23.48 12.19 3.27
CA MET A 1 22.72 11.45 2.21
C MET A 1 21.75 12.38 1.50
N THR A 2 21.65 12.21 0.18
CA THR A 2 20.76 13.03 -0.63
C THR A 2 19.30 12.79 -0.26
N PHE A 3 18.59 13.88 0.01
CA PHE A 3 17.18 13.78 0.37
C PHE A 3 16.36 13.22 -0.79
N ALA A 4 16.78 13.54 -2.01
CA ALA A 4 16.09 13.07 -3.21
C ALA A 4 16.30 11.57 -3.39
N GLU A 5 17.52 11.11 -3.14
CA GLU A 5 17.84 9.70 -3.28
C GLU A 5 17.17 8.88 -2.18
N LEU A 6 17.10 9.45 -0.99
CA LEU A 6 16.46 8.77 0.14
C LEU A 6 14.95 8.95 0.07
N GLY A 7 14.51 9.87 -0.78
CA GLY A 7 13.09 10.12 -0.93
C GLY A 7 12.35 8.99 -1.60
N MET A 8 12.91 8.49 -2.71
CA MET A 8 12.29 7.40 -3.45
C MET A 8 12.35 6.09 -2.68
N ALA A 9 13.51 5.79 -2.11
CA ALA A 9 13.68 4.56 -1.34
C ALA A 9 12.76 4.52 -0.13
N PHE A 10 12.69 5.65 0.58
CA PHE A 10 11.85 5.76 1.76
C PHE A 10 10.36 5.75 1.40
N TRP A 11 9.99 6.53 0.38
CA TRP A 11 8.60 6.59 -0.05
C TRP A 11 8.12 5.23 -0.53
N HIS A 12 8.97 4.52 -1.25
CA HIS A 12 8.63 3.20 -1.77
C HIS A 12 8.49 2.19 -0.62
N ASP A 13 9.37 2.29 0.36
CA ASP A 13 9.35 1.39 1.50
C ASP A 13 8.11 1.61 2.36
N LEU A 14 7.75 2.86 2.60
CA LEU A 14 6.59 3.19 3.40
C LEU A 14 5.30 2.93 2.62
N ALA A 15 5.37 3.08 1.31
CA ALA A 15 4.21 2.87 0.45
C ALA A 15 3.84 1.39 0.35
N ALA A 16 4.84 0.52 0.37
CA ALA A 16 4.61 -0.92 0.28
C ALA A 16 3.51 -1.38 1.25
N PRO A 17 3.63 -1.09 2.56
CA PRO A 17 2.62 -1.48 3.55
C PRO A 17 1.34 -0.66 3.43
N VAL A 18 1.47 0.58 2.97
CA VAL A 18 0.33 1.48 2.82
C VAL A 18 -0.63 0.97 1.74
N ILE A 19 -0.05 0.60 0.60
CA ILE A 19 -0.84 0.09 -0.52
C ILE A 19 -1.41 -1.28 -0.21
N ALA A 20 -0.57 -2.15 0.35
CA ALA A 20 -0.99 -3.51 0.69
C ALA A 20 -2.16 -3.49 1.68
N GLY A 21 -2.15 -2.50 2.58
CA GLY A 21 -3.22 -2.39 3.56
C GLY A 21 -4.55 -2.03 2.94
N ILE A 22 -4.53 -1.05 2.04
CA ILE A 22 -5.74 -0.60 1.37
C ILE A 22 -6.27 -1.68 0.43
N LEU A 23 -5.35 -2.35 -0.26
CA LEU A 23 -5.72 -3.41 -1.19
C LEU A 23 -6.34 -4.59 -0.45
N ALA A 24 -5.80 -4.90 0.72
CA ALA A 24 -6.30 -5.99 1.53
C ALA A 24 -7.73 -5.72 1.97
N SER A 25 -8.01 -4.47 2.32
CA SER A 25 -9.34 -4.07 2.74
C SER A 25 -10.35 -4.25 1.61
N MET A 26 -9.89 -4.02 0.38
CA MET A 26 -10.74 -4.17 -0.79
C MET A 26 -11.07 -5.64 -1.04
N ILE A 27 -10.05 -6.50 -0.92
CA ILE A 27 -10.25 -7.93 -1.13
C ILE A 27 -11.27 -8.46 -0.13
N VAL A 28 -11.16 -8.00 1.11
CA VAL A 28 -12.08 -8.42 2.17
C VAL A 28 -13.49 -7.88 1.92
N ASN A 29 -13.58 -6.62 1.48
CA ASN A 29 -14.88 -6.02 1.21
C ASN A 29 -15.58 -6.74 0.07
N TRP A 30 -14.78 -7.31 -0.84
CA TRP A 30 -15.31 -8.05 -1.97
C TRP A 30 -15.92 -9.37 -1.51
N LEU A 31 -15.16 -10.13 -0.73
CA LEU A 31 -15.63 -11.40 -0.21
C LEU A 31 -16.81 -11.21 0.72
N ASN A 32 -16.88 -10.05 1.36
CA ASN A 32 -17.96 -9.73 2.29
C ASN A 32 -19.26 -9.43 1.55
N LYS A 33 -19.16 -9.06 0.28
CA LYS A 33 -20.35 -8.73 -0.52
C LYS A 33 -20.74 -9.89 -1.43
N ARG A 34 -19.97 -10.97 -1.40
CA ARG A 34 -20.24 -12.14 -2.22
C ARG A 34 -20.28 -13.41 -1.39
N LYS A 35 -20.17 -13.25 -0.07
CA LYS A 35 -20.19 -14.38 0.86
C LYS A 35 -19.07 -15.36 0.55
N MET A 1 24.33 13.26 2.59
CA MET A 1 23.10 12.52 2.20
C MET A 1 22.28 13.33 1.20
N THR A 2 21.52 12.62 0.37
CA THR A 2 20.69 13.26 -0.64
C THR A 2 19.21 13.00 -0.38
N PHE A 3 18.43 14.07 -0.31
CA PHE A 3 17.01 13.97 -0.08
C PHE A 3 16.31 13.26 -1.22
N ALA A 4 16.82 13.46 -2.44
CA ALA A 4 16.25 12.83 -3.62
C ALA A 4 16.49 11.33 -3.60
N GLU A 5 17.71 10.93 -3.22
CA GLU A 5 18.07 9.53 -3.15
C GLU A 5 17.30 8.82 -2.04
N LEU A 6 17.06 9.53 -0.94
CA LEU A 6 16.34 8.98 0.19
C LEU A 6 14.84 9.14 -0.01
N GLY A 7 14.47 9.97 -0.98
CA GLY A 7 13.05 10.20 -1.26
C GLY A 7 12.37 8.99 -1.84
N MET A 8 12.96 8.41 -2.88
CA MET A 8 12.39 7.25 -3.54
C MET A 8 12.46 6.02 -2.64
N ALA A 9 13.57 5.88 -1.91
CA ALA A 9 13.76 4.75 -1.01
C ALA A 9 12.76 4.80 0.15
N PHE A 10 12.61 5.99 0.73
CA PHE A 10 11.70 6.19 1.85
C PHE A 10 10.24 6.07 1.40
N TRP A 11 9.91 6.69 0.27
CA TRP A 11 8.56 6.64 -0.25
C TRP A 11 8.15 5.23 -0.61
N HIS A 12 9.06 4.50 -1.23
CA HIS A 12 8.78 3.11 -1.62
C HIS A 12 8.66 2.22 -0.40
N ASP A 13 9.51 2.44 0.59
CA ASP A 13 9.50 1.65 1.81
C ASP A 13 8.21 1.87 2.60
N LEU A 14 7.79 3.13 2.69
CA LEU A 14 6.56 3.46 3.42
C LEU A 14 5.34 3.03 2.62
N ALA A 15 5.46 3.05 1.31
CA ALA A 15 4.36 2.67 0.42
C ALA A 15 4.06 1.18 0.49
N ALA A 16 5.10 0.37 0.68
CA ALA A 16 4.94 -1.08 0.74
C ALA A 16 3.82 -1.49 1.71
N PRO A 17 3.86 -1.04 2.99
CA PRO A 17 2.82 -1.38 3.97
C PRO A 17 1.52 -0.65 3.71
N VAL A 18 1.61 0.50 3.05
CA VAL A 18 0.44 1.31 2.74
C VAL A 18 -0.44 0.62 1.68
N ILE A 19 0.20 0.17 0.62
CA ILE A 19 -0.49 -0.50 -0.48
C ILE A 19 -1.01 -1.87 -0.04
N ALA A 20 -0.21 -2.59 0.74
CA ALA A 20 -0.58 -3.91 1.21
C ALA A 20 -1.81 -3.85 2.12
N GLY A 21 -1.81 -2.90 3.05
CA GLY A 21 -2.93 -2.75 3.97
C GLY A 21 -4.22 -2.40 3.26
N ILE A 22 -4.15 -1.44 2.35
CA ILE A 22 -5.33 -1.01 1.60
C ILE A 22 -5.80 -2.12 0.65
N LEU A 23 -4.84 -2.85 0.10
CA LEU A 23 -5.16 -3.94 -0.83
C LEU A 23 -5.98 -5.01 -0.12
N ALA A 24 -5.65 -5.25 1.14
CA ALA A 24 -6.35 -6.23 1.95
C ALA A 24 -7.81 -5.83 2.17
N SER A 25 -8.02 -4.53 2.38
CA SER A 25 -9.36 -4.01 2.60
C SER A 25 -10.25 -4.25 1.39
N MET A 26 -9.66 -4.17 0.19
CA MET A 26 -10.40 -4.37 -1.05
C MET A 26 -10.81 -5.83 -1.18
N ILE A 27 -9.90 -6.74 -0.85
CA ILE A 27 -10.20 -8.17 -0.94
C ILE A 27 -11.33 -8.52 0.01
N VAL A 28 -11.30 -7.96 1.21
CA VAL A 28 -12.33 -8.20 2.20
C VAL A 28 -13.67 -7.63 1.75
N ASN A 29 -13.63 -6.41 1.21
CA ASN A 29 -14.86 -5.75 0.76
C ASN A 29 -15.50 -6.57 -0.36
N TRP A 30 -14.67 -7.30 -1.10
CA TRP A 30 -15.13 -8.13 -2.20
C TRP A 30 -15.89 -9.35 -1.67
N LEU A 31 -15.28 -10.06 -0.73
CA LEU A 31 -15.91 -11.23 -0.13
C LEU A 31 -17.19 -10.85 0.62
N ASN A 32 -17.22 -9.62 1.12
CA ASN A 32 -18.39 -9.14 1.84
C ASN A 32 -19.60 -9.06 0.92
N LYS A 33 -19.34 -9.16 -0.38
CA LYS A 33 -20.39 -9.12 -1.38
C LYS A 33 -20.86 -10.54 -1.69
N ARG A 34 -19.95 -11.50 -1.48
CA ARG A 34 -20.26 -12.91 -1.71
C ARG A 34 -20.19 -13.71 -0.41
N LYS A 35 -21.22 -13.56 0.41
CA LYS A 35 -21.28 -14.27 1.68
C LYS A 35 -21.95 -15.63 1.52
N MET A 1 -22.56 -16.77 1.85
CA MET A 1 -21.47 -15.76 1.86
C MET A 1 -21.90 -14.49 1.13
N THR A 2 -21.33 -13.36 1.56
CA THR A 2 -21.66 -12.07 0.94
C THR A 2 -20.45 -11.49 0.23
N PHE A 3 -20.63 -11.17 -1.05
CA PHE A 3 -19.57 -10.60 -1.86
C PHE A 3 -19.14 -9.23 -1.31
N ALA A 4 -20.11 -8.51 -0.76
CA ALA A 4 -19.83 -7.19 -0.19
C ALA A 4 -18.98 -7.30 1.06
N GLU A 5 -19.30 -8.28 1.90
CA GLU A 5 -18.56 -8.51 3.14
C GLU A 5 -17.15 -8.98 2.84
N LEU A 6 -17.01 -9.80 1.81
CA LEU A 6 -15.71 -10.33 1.41
C LEU A 6 -15.00 -9.32 0.50
N GLY A 7 -15.75 -8.33 0.03
CA GLY A 7 -15.20 -7.33 -0.84
C GLY A 7 -14.24 -6.39 -0.11
N MET A 8 -14.67 -5.88 1.03
CA MET A 8 -13.84 -4.97 1.81
C MET A 8 -12.62 -5.68 2.37
N ALA A 9 -12.84 -6.90 2.88
CA ALA A 9 -11.74 -7.68 3.46
C ALA A 9 -10.72 -8.06 2.39
N PHE A 10 -11.20 -8.50 1.23
CA PHE A 10 -10.34 -8.91 0.14
C PHE A 10 -9.63 -7.70 -0.47
N TRP A 11 -10.35 -6.60 -0.63
CA TRP A 11 -9.78 -5.39 -1.20
C TRP A 11 -8.72 -4.80 -0.27
N HIS A 12 -9.01 -4.81 1.03
CA HIS A 12 -8.08 -4.28 2.02
C HIS A 12 -6.84 -5.16 2.11
N ASP A 13 -7.05 -6.48 2.04
CA ASP A 13 -5.95 -7.43 2.12
C ASP A 13 -5.04 -7.32 0.91
N LEU A 14 -5.64 -7.19 -0.28
CA LEU A 14 -4.86 -7.07 -1.50
C LEU A 14 -4.22 -5.69 -1.60
N ALA A 15 -4.88 -4.70 -1.02
CA ALA A 15 -4.39 -3.33 -1.03
C ALA A 15 -3.15 -3.18 -0.14
N ALA A 16 -3.12 -3.93 0.96
CA ALA A 16 -1.99 -3.87 1.90
C ALA A 16 -0.65 -3.94 1.17
N PRO A 17 -0.40 -4.99 0.36
CA PRO A 17 0.87 -5.13 -0.37
C PRO A 17 0.99 -4.13 -1.52
N VAL A 18 -0.16 -3.67 -2.02
CA VAL A 18 -0.19 -2.71 -3.13
C VAL A 18 0.33 -1.35 -2.67
N ILE A 19 -0.19 -0.88 -1.54
CA ILE A 19 0.19 0.40 -0.98
C ILE A 19 1.61 0.35 -0.42
N ALA A 20 1.96 -0.77 0.19
CA ALA A 20 3.28 -0.95 0.78
C ALA A 20 4.38 -0.86 -0.27
N GLY A 21 4.14 -1.48 -1.44
CA GLY A 21 5.12 -1.45 -2.50
C GLY A 21 5.37 -0.04 -3.02
N ILE A 22 4.29 0.70 -3.25
CA ILE A 22 4.40 2.07 -3.74
C ILE A 22 4.98 2.98 -2.68
N LEU A 23 4.63 2.72 -1.43
CA LEU A 23 5.10 3.51 -0.31
C LEU A 23 6.60 3.35 -0.12
N ALA A 24 7.11 2.15 -0.38
CA ALA A 24 8.53 1.86 -0.24
C ALA A 24 9.36 2.77 -1.15
N SER A 25 8.91 2.90 -2.40
CA SER A 25 9.61 3.75 -3.36
C SER A 25 9.62 5.19 -2.89
N MET A 26 8.57 5.59 -2.18
CA MET A 26 8.47 6.94 -1.66
C MET A 26 9.48 7.18 -0.56
N ILE A 27 9.62 6.21 0.34
CA ILE A 27 10.57 6.31 1.44
C ILE A 27 12.00 6.38 0.91
N VAL A 28 12.31 5.55 -0.08
CA VAL A 28 13.63 5.53 -0.68
C VAL A 28 13.94 6.84 -1.38
N ASN A 29 12.97 7.33 -2.16
CA ASN A 29 13.14 8.58 -2.88
C ASN A 29 13.41 9.73 -1.92
N TRP A 30 12.71 9.72 -0.79
CA TRP A 30 12.88 10.75 0.22
C TRP A 30 14.28 10.70 0.82
N LEU A 31 14.72 9.50 1.18
CA LEU A 31 16.04 9.30 1.76
C LEU A 31 17.13 9.69 0.77
N ASN A 32 16.84 9.55 -0.51
CA ASN A 32 17.80 9.88 -1.55
C ASN A 32 18.01 11.39 -1.64
N LYS A 33 17.05 12.15 -1.15
CA LYS A 33 17.14 13.61 -1.16
C LYS A 33 17.89 14.13 0.06
N ARG A 34 17.52 13.63 1.24
CA ARG A 34 18.15 14.06 2.48
C ARG A 34 19.54 13.43 2.65
N LYS A 35 20.15 13.06 1.53
CA LYS A 35 21.48 12.45 1.56
C LYS A 35 22.49 13.35 2.26
N MET A 1 24.24 12.10 3.27
CA MET A 1 23.46 11.55 2.12
C MET A 1 22.48 12.60 1.59
N THR A 2 21.88 12.30 0.45
CA THR A 2 20.92 13.22 -0.18
C THR A 2 19.49 12.84 0.17
N PHE A 3 18.69 13.83 0.53
CA PHE A 3 17.30 13.62 0.87
C PHE A 3 16.53 13.10 -0.33
N ALA A 4 16.91 13.56 -1.52
CA ALA A 4 16.25 13.14 -2.76
C ALA A 4 16.53 11.66 -3.04
N GLU A 5 17.78 11.25 -2.82
CA GLU A 5 18.17 9.87 -3.06
C GLU A 5 17.47 8.94 -2.07
N LEU A 6 17.26 9.43 -0.86
CA LEU A 6 16.58 8.65 0.18
C LEU A 6 15.07 8.85 0.10
N GLY A 7 14.66 9.87 -0.66
CA GLY A 7 13.25 10.17 -0.80
C GLY A 7 12.50 9.10 -1.55
N MET A 8 13.09 8.59 -2.63
CA MET A 8 12.45 7.57 -3.45
C MET A 8 12.42 6.23 -2.73
N ALA A 9 13.57 5.80 -2.21
CA ALA A 9 13.67 4.53 -1.50
C ALA A 9 12.73 4.51 -0.29
N PHE A 10 12.69 5.63 0.43
CA PHE A 10 11.84 5.75 1.62
C PHE A 10 10.36 5.77 1.23
N TRP A 11 10.01 6.59 0.24
CA TRP A 11 8.62 6.70 -0.21
C TRP A 11 8.12 5.37 -0.74
N HIS A 12 8.97 4.68 -1.50
CA HIS A 12 8.61 3.38 -2.07
C HIS A 12 8.45 2.33 -0.99
N ASP A 13 9.33 2.38 0.01
CA ASP A 13 9.29 1.43 1.11
C ASP A 13 8.06 1.62 1.98
N LEU A 14 7.73 2.87 2.28
CA LEU A 14 6.56 3.18 3.10
C LEU A 14 5.28 2.95 2.31
N ALA A 15 5.34 3.14 1.00
CA ALA A 15 4.19 2.97 0.13
C ALA A 15 3.80 1.49 0.02
N ALA A 16 4.80 0.62 0.02
CA ALA A 16 4.56 -0.82 -0.11
C ALA A 16 3.44 -1.31 0.84
N PRO A 17 3.56 -1.04 2.17
CA PRO A 17 2.53 -1.46 3.13
C PRO A 17 1.25 -0.64 3.01
N VAL A 18 1.38 0.59 2.49
CA VAL A 18 0.24 1.47 2.32
C VAL A 18 -0.69 0.96 1.21
N ILE A 19 -0.09 0.62 0.07
CA ILE A 19 -0.84 0.10 -1.06
C ILE A 19 -1.38 -1.29 -0.78
N ALA A 20 -0.60 -2.09 -0.06
CA ALA A 20 -1.00 -3.44 0.29
C ALA A 20 -2.16 -3.42 1.28
N GLY A 21 -2.14 -2.44 2.17
CA GLY A 21 -3.21 -2.33 3.15
C GLY A 21 -4.54 -1.96 2.53
N ILE A 22 -4.50 -0.98 1.62
CA ILE A 22 -5.71 -0.54 0.93
C ILE A 22 -6.23 -1.64 0.00
N LEU A 23 -5.30 -2.35 -0.64
CA LEU A 23 -5.66 -3.42 -1.55
C LEU A 23 -6.35 -4.56 -0.81
N ALA A 24 -5.87 -4.83 0.41
CA ALA A 24 -6.45 -5.89 1.23
C ALA A 24 -7.89 -5.56 1.60
N SER A 25 -8.14 -4.29 1.89
CA SER A 25 -9.49 -3.84 2.26
C SER A 25 -10.47 -4.09 1.13
N MET A 26 -10.01 -3.89 -0.11
CA MET A 26 -10.86 -4.09 -1.28
C MET A 26 -11.19 -5.57 -1.46
N ILE A 27 -10.22 -6.43 -1.18
CA ILE A 27 -10.43 -7.87 -1.31
C ILE A 27 -11.41 -8.39 -0.26
N VAL A 28 -11.28 -7.91 0.97
CA VAL A 28 -12.15 -8.31 2.05
C VAL A 28 -13.59 -7.84 1.79
N ASN A 29 -13.72 -6.61 1.31
CA ASN A 29 -15.03 -6.04 1.00
C ASN A 29 -15.76 -6.89 -0.04
N TRP A 30 -15.03 -7.28 -1.08
CA TRP A 30 -15.60 -8.11 -2.14
C TRP A 30 -16.05 -9.46 -1.60
N LEU A 31 -15.19 -10.09 -0.81
CA LEU A 31 -15.49 -11.39 -0.23
C LEU A 31 -16.71 -11.31 0.70
N ASN A 32 -16.87 -10.16 1.35
CA ASN A 32 -18.00 -9.95 2.25
C ASN A 32 -19.31 -9.92 1.49
N LYS A 33 -19.22 -9.72 0.17
CA LYS A 33 -20.40 -9.66 -0.68
C LYS A 33 -20.79 -11.06 -1.15
N ARG A 34 -19.78 -11.91 -1.38
CA ARG A 34 -20.02 -13.27 -1.83
C ARG A 34 -20.10 -14.22 -0.65
N LYS A 35 -20.43 -13.67 0.52
CA LYS A 35 -20.54 -14.46 1.74
C LYS A 35 -21.56 -15.60 1.58
N MET A 1 20.31 17.19 -2.73
CA MET A 1 19.58 16.50 -1.63
C MET A 1 20.20 15.15 -1.31
N THR A 2 20.08 14.73 -0.06
CA THR A 2 20.63 13.46 0.39
C THR A 2 19.77 12.28 -0.06
N PHE A 3 20.40 11.30 -0.68
CA PHE A 3 19.70 10.11 -1.16
C PHE A 3 19.10 9.34 0.01
N ALA A 4 19.79 9.34 1.15
CA ALA A 4 19.33 8.65 2.34
C ALA A 4 18.11 9.34 2.93
N GLU A 5 18.16 10.66 2.98
CA GLU A 5 17.05 11.44 3.52
C GLU A 5 15.83 11.34 2.62
N LEU A 6 16.08 11.20 1.32
CA LEU A 6 15.00 11.08 0.35
C LEU A 6 14.60 9.62 0.17
N GLY A 7 15.44 8.73 0.68
CA GLY A 7 15.17 7.31 0.57
C GLY A 7 13.96 6.87 1.36
N MET A 8 13.92 7.30 2.62
CA MET A 8 12.81 6.95 3.50
C MET A 8 11.53 7.65 3.07
N ALA A 9 11.62 8.94 2.76
CA ALA A 9 10.48 9.72 2.33
C ALA A 9 9.88 9.16 1.05
N PHE A 10 10.73 8.83 0.09
CA PHE A 10 10.31 8.29 -1.19
C PHE A 10 9.76 6.87 -1.04
N TRP A 11 10.48 6.02 -0.30
CA TRP A 11 10.05 4.65 -0.09
C TRP A 11 8.70 4.61 0.63
N HIS A 12 8.53 5.48 1.62
CA HIS A 12 7.28 5.53 2.37
C HIS A 12 6.13 6.04 1.50
N ASP A 13 6.42 7.03 0.66
CA ASP A 13 5.42 7.61 -0.22
C ASP A 13 4.96 6.60 -1.27
N LEU A 14 5.92 5.88 -1.86
CA LEU A 14 5.59 4.88 -2.87
C LEU A 14 4.93 3.66 -2.24
N ALA A 15 5.31 3.38 -1.00
CA ALA A 15 4.75 2.24 -0.28
C ALA A 15 3.28 2.45 0.06
N ALA A 16 2.91 3.70 0.34
CA ALA A 16 1.54 4.03 0.70
C ALA A 16 0.53 3.40 -0.29
N PRO A 17 0.65 3.68 -1.61
CA PRO A 17 -0.26 3.11 -2.61
C PRO A 17 -0.04 1.61 -2.82
N VAL A 18 1.17 1.16 -2.54
CA VAL A 18 1.50 -0.26 -2.70
C VAL A 18 0.78 -1.11 -1.68
N ILE A 19 0.84 -0.69 -0.41
CA ILE A 19 0.18 -1.39 0.67
C ILE A 19 -1.33 -1.26 0.58
N ALA A 20 -1.79 -0.05 0.28
CA ALA A 20 -3.22 0.21 0.16
C ALA A 20 -3.82 -0.58 -0.99
N GLY A 21 -3.05 -0.72 -2.07
CA GLY A 21 -3.52 -1.46 -3.22
C GLY A 21 -3.79 -2.92 -2.90
N ILE A 22 -2.86 -3.54 -2.17
CA ILE A 22 -2.99 -4.93 -1.78
C ILE A 22 -4.14 -5.11 -0.79
N LEU A 23 -4.28 -4.15 0.12
CA LEU A 23 -5.34 -4.19 1.12
C LEU A 23 -6.70 -4.10 0.46
N ALA A 24 -6.78 -3.34 -0.64
CA ALA A 24 -8.02 -3.18 -1.37
C ALA A 24 -8.49 -4.53 -1.92
N SER A 25 -7.56 -5.30 -2.47
CA SER A 25 -7.86 -6.61 -3.03
C SER A 25 -8.44 -7.51 -1.95
N MET A 26 -7.95 -7.36 -0.72
CA MET A 26 -8.42 -8.15 0.40
C MET A 26 -9.86 -7.81 0.74
N ILE A 27 -10.17 -6.52 0.74
CA ILE A 27 -11.51 -6.06 1.04
C ILE A 27 -12.51 -6.56 0.00
N VAL A 28 -12.12 -6.47 -1.27
CA VAL A 28 -12.97 -6.92 -2.37
C VAL A 28 -13.20 -8.42 -2.29
N ASN A 29 -12.15 -9.17 -2.01
CA ASN A 29 -12.23 -10.62 -1.90
C ASN A 29 -13.21 -11.02 -0.80
N TRP A 30 -13.24 -10.23 0.26
CA TRP A 30 -14.12 -10.49 1.40
C TRP A 30 -15.58 -10.23 1.01
N LEU A 31 -15.83 -9.08 0.40
CA LEU A 31 -17.19 -8.72 -0.02
C LEU A 31 -17.74 -9.69 -1.05
N ASN A 32 -16.85 -10.22 -1.89
CA ASN A 32 -17.25 -11.17 -2.93
C ASN A 32 -17.67 -12.49 -2.31
N LYS A 33 -17.38 -12.66 -1.03
CA LYS A 33 -17.74 -13.88 -0.31
C LYS A 33 -19.09 -13.73 0.37
N ARG A 34 -19.31 -12.58 1.01
CA ARG A 34 -20.57 -12.32 1.71
C ARG A 34 -21.63 -11.84 0.73
N LYS A 35 -21.48 -12.20 -0.54
CA LYS A 35 -22.43 -11.82 -1.58
C LYS A 35 -23.84 -12.32 -1.25
N MET A 1 21.72 16.31 -2.82
CA MET A 1 20.60 15.56 -2.18
C MET A 1 21.12 14.41 -1.32
N THR A 2 20.35 14.05 -0.30
CA THR A 2 20.73 12.98 0.61
C THR A 2 19.91 11.73 0.36
N PHE A 3 20.60 10.60 0.21
CA PHE A 3 19.94 9.33 -0.04
C PHE A 3 19.08 8.92 1.15
N ALA A 4 19.55 9.22 2.36
CA ALA A 4 18.80 8.90 3.57
C ALA A 4 17.53 9.74 3.68
N GLU A 5 17.66 11.02 3.37
CA GLU A 5 16.52 11.93 3.43
C GLU A 5 15.51 11.61 2.34
N LEU A 6 16.02 11.18 1.18
CA LEU A 6 15.15 10.84 0.06
C LEU A 6 14.68 9.39 0.17
N GLY A 7 15.32 8.63 1.05
CA GLY A 7 14.95 7.24 1.24
C GLY A 7 13.58 7.08 1.86
N MET A 8 13.38 7.70 3.01
CA MET A 8 12.10 7.62 3.71
C MET A 8 10.98 8.26 2.91
N ALA A 9 11.24 9.45 2.36
CA ALA A 9 10.24 10.17 1.57
C ALA A 9 9.81 9.36 0.35
N PHE A 10 10.79 8.81 -0.36
CA PHE A 10 10.51 8.02 -1.56
C PHE A 10 9.84 6.69 -1.20
N TRP A 11 10.38 6.00 -0.20
CA TRP A 11 9.82 4.72 0.23
C TRP A 11 8.39 4.88 0.72
N HIS A 12 8.12 5.96 1.45
CA HIS A 12 6.78 6.22 1.96
C HIS A 12 5.82 6.55 0.82
N ASP A 13 6.30 7.31 -0.15
CA ASP A 13 5.49 7.70 -1.29
C ASP A 13 5.15 6.50 -2.17
N LEU A 14 6.13 5.64 -2.42
CA LEU A 14 5.91 4.45 -3.23
C LEU A 14 5.09 3.41 -2.48
N ALA A 15 5.22 3.41 -1.16
CA ALA A 15 4.49 2.47 -0.32
C ALA A 15 3.01 2.79 -0.30
N ALA A 16 2.67 4.08 -0.37
CA ALA A 16 1.28 4.51 -0.35
C ALA A 16 0.41 3.71 -1.33
N PRO A 17 0.77 3.67 -2.63
CA PRO A 17 0.00 2.89 -3.63
C PRO A 17 0.16 1.39 -3.45
N VAL A 18 1.27 0.98 -2.86
CA VAL A 18 1.54 -0.44 -2.63
C VAL A 18 0.60 -1.01 -1.58
N ILE A 19 0.47 -0.28 -0.47
CA ILE A 19 -0.40 -0.69 0.63
C ILE A 19 -1.87 -0.60 0.24
N ALA A 20 -2.21 0.46 -0.49
CA ALA A 20 -3.59 0.69 -0.93
C ALA A 20 -4.02 -0.36 -1.94
N GLY A 21 -3.08 -0.79 -2.79
CA GLY A 21 -3.39 -1.79 -3.79
C GLY A 21 -3.68 -3.15 -3.19
N ILE A 22 -2.84 -3.57 -2.25
CA ILE A 22 -3.01 -4.85 -1.59
C ILE A 22 -4.25 -4.85 -0.70
N LEU A 23 -4.49 -3.71 -0.05
CA LEU A 23 -5.64 -3.55 0.83
C LEU A 23 -6.94 -3.66 0.05
N ALA A 24 -6.96 -3.10 -1.15
CA ALA A 24 -8.15 -3.13 -1.99
C ALA A 24 -8.54 -4.56 -2.35
N SER A 25 -7.55 -5.38 -2.71
CA SER A 25 -7.80 -6.76 -3.07
C SER A 25 -8.40 -7.54 -1.90
N MET A 26 -7.93 -7.24 -0.69
CA MET A 26 -8.43 -7.91 0.51
C MET A 26 -9.89 -7.58 0.77
N ILE A 27 -10.25 -6.31 0.57
CA ILE A 27 -11.63 -5.87 0.78
C ILE A 27 -12.57 -6.50 -0.24
N VAL A 28 -12.14 -6.55 -1.50
CA VAL A 28 -12.95 -7.12 -2.56
C VAL A 28 -13.11 -8.63 -2.37
N ASN A 29 -12.05 -9.29 -1.90
CA ASN A 29 -12.09 -10.72 -1.68
C ASN A 29 -13.08 -11.07 -0.58
N TRP A 30 -13.12 -10.23 0.45
CA TRP A 30 -14.04 -10.44 1.57
C TRP A 30 -15.48 -10.19 1.16
N LEU A 31 -15.71 -9.07 0.48
CA LEU A 31 -17.05 -8.71 0.02
C LEU A 31 -17.60 -9.77 -0.94
N ASN A 32 -16.72 -10.31 -1.78
CA ASN A 32 -17.12 -11.32 -2.73
C ASN A 32 -17.44 -12.64 -2.03
N LYS A 33 -17.02 -12.73 -0.76
CA LYS A 33 -17.26 -13.92 0.04
C LYS A 33 -18.58 -13.81 0.80
N ARG A 34 -18.90 -12.60 1.26
CA ARG A 34 -20.13 -12.37 1.99
C ARG A 34 -21.30 -12.14 1.04
N LYS A 35 -21.20 -12.74 -0.15
CA LYS A 35 -22.25 -12.61 -1.16
C LYS A 35 -23.58 -13.18 -0.66
N MET A 1 19.54 17.03 -2.64
CA MET A 1 19.56 16.64 -1.20
C MET A 1 20.24 15.28 -1.02
N THR A 2 20.12 14.73 0.19
CA THR A 2 20.72 13.45 0.50
C THR A 2 19.85 12.29 0.03
N PHE A 3 20.50 11.24 -0.46
CA PHE A 3 19.79 10.07 -0.94
C PHE A 3 19.04 9.39 0.21
N ALA A 4 19.64 9.43 1.40
CA ALA A 4 19.04 8.83 2.58
C ALA A 4 17.83 9.64 3.02
N GLU A 5 17.96 10.97 2.98
CA GLU A 5 16.88 11.86 3.35
C GLU A 5 15.70 11.70 2.41
N LEU A 6 16.00 11.28 1.17
CA LEU A 6 14.98 11.07 0.16
C LEU A 6 14.57 9.60 0.12
N GLY A 7 15.36 8.76 0.77
CA GLY A 7 15.07 7.34 0.80
C GLY A 7 13.80 7.01 1.57
N MET A 8 13.67 7.61 2.74
CA MET A 8 12.49 7.36 3.59
C MET A 8 11.25 7.97 2.98
N ALA A 9 11.35 9.20 2.49
CA ALA A 9 10.22 9.89 1.89
C ALA A 9 9.75 9.17 0.63
N PHE A 10 10.71 8.75 -0.19
CA PHE A 10 10.41 8.04 -1.43
C PHE A 10 9.84 6.66 -1.16
N TRP A 11 10.46 5.94 -0.22
CA TRP A 11 10.00 4.59 0.12
C TRP A 11 8.60 4.63 0.72
N HIS A 12 8.35 5.60 1.58
CA HIS A 12 7.05 5.75 2.22
C HIS A 12 5.99 6.15 1.20
N ASP A 13 6.37 7.06 0.29
CA ASP A 13 5.45 7.53 -0.73
C ASP A 13 5.07 6.42 -1.70
N LEU A 14 6.06 5.62 -2.10
CA LEU A 14 5.81 4.52 -3.03
C LEU A 14 5.08 3.37 -2.34
N ALA A 15 5.36 3.19 -1.05
CA ALA A 15 4.73 2.12 -0.28
C ALA A 15 3.25 2.37 -0.04
N ALA A 16 2.89 3.64 0.14
CA ALA A 16 1.49 4.01 0.39
C ALA A 16 0.53 3.34 -0.61
N PRO A 17 0.75 3.51 -1.94
CA PRO A 17 -0.11 2.89 -2.95
C PRO A 17 0.10 1.39 -3.07
N VAL A 18 1.28 0.92 -2.67
CA VAL A 18 1.60 -0.50 -2.73
C VAL A 18 0.81 -1.27 -1.70
N ILE A 19 0.82 -0.78 -0.47
CA ILE A 19 0.09 -1.42 0.62
C ILE A 19 -1.42 -1.26 0.43
N ALA A 20 -1.83 -0.08 -0.01
CA ALA A 20 -3.24 0.20 -0.24
C ALA A 20 -3.80 -0.70 -1.33
N GLY A 21 -2.98 -0.97 -2.34
CA GLY A 21 -3.40 -1.82 -3.44
C GLY A 21 -3.70 -3.23 -2.95
N ILE A 22 -2.83 -3.75 -2.09
CA ILE A 22 -3.00 -5.09 -1.54
C ILE A 22 -4.23 -5.12 -0.62
N LEU A 23 -4.44 -4.03 0.09
CA LEU A 23 -5.58 -3.91 1.00
C LEU A 23 -6.89 -3.94 0.22
N ALA A 24 -6.86 -3.36 -0.98
CA ALA A 24 -8.04 -3.31 -1.83
C ALA A 24 -8.47 -4.70 -2.25
N SER A 25 -7.50 -5.55 -2.59
CA SER A 25 -7.80 -6.91 -3.01
C SER A 25 -8.40 -7.72 -1.86
N MET A 26 -7.96 -7.42 -0.64
CA MET A 26 -8.46 -8.12 0.53
C MET A 26 -9.91 -7.75 0.79
N ILE A 27 -10.24 -6.47 0.62
CA ILE A 27 -11.60 -6.00 0.83
C ILE A 27 -12.54 -6.60 -0.21
N VAL A 28 -12.09 -6.66 -1.46
CA VAL A 28 -12.89 -7.22 -2.54
C VAL A 28 -13.13 -8.71 -2.31
N ASN A 29 -12.06 -9.41 -1.90
CA ASN A 29 -12.16 -10.85 -1.63
C ASN A 29 -13.17 -11.12 -0.52
N TRP A 30 -13.23 -10.20 0.44
CA TRP A 30 -14.15 -10.33 1.56
C TRP A 30 -15.60 -10.16 1.10
N LEU A 31 -15.86 -9.08 0.36
CA LEU A 31 -17.20 -8.80 -0.15
C LEU A 31 -17.66 -9.87 -1.12
N ASN A 32 -16.70 -10.50 -1.80
CA ASN A 32 -17.01 -11.54 -2.77
C ASN A 32 -17.41 -12.85 -2.10
N LYS A 33 -17.14 -12.97 -0.81
CA LYS A 33 -17.48 -14.19 -0.07
C LYS A 33 -18.73 -13.98 0.78
N ARG A 34 -19.04 -12.73 1.08
CA ARG A 34 -20.21 -12.40 1.89
C ARG A 34 -21.37 -11.94 1.00
N LYS A 35 -21.25 -12.16 -0.30
CA LYS A 35 -22.28 -11.78 -1.25
C LYS A 35 -23.62 -12.42 -0.90
N MET A 1 24.31 11.55 3.20
CA MET A 1 23.33 11.01 2.23
C MET A 1 22.39 12.11 1.74
N THR A 2 21.88 11.96 0.52
CA THR A 2 20.97 12.93 -0.07
C THR A 2 19.52 12.64 0.30
N PHE A 3 18.82 13.66 0.77
CA PHE A 3 17.42 13.52 1.15
C PHE A 3 16.57 13.15 -0.06
N ALA A 4 16.93 13.67 -1.22
CA ALA A 4 16.20 13.39 -2.45
C ALA A 4 16.40 11.94 -2.88
N GLU A 5 17.63 11.45 -2.79
CA GLU A 5 17.94 10.07 -3.15
C GLU A 5 17.26 9.11 -2.19
N LEU A 6 17.07 9.55 -0.96
CA LEU A 6 16.41 8.73 0.07
C LEU A 6 14.92 8.99 0.05
N GLY A 7 14.51 10.05 -0.62
CA GLY A 7 13.11 10.39 -0.69
C GLY A 7 12.30 9.38 -1.47
N MET A 8 12.77 9.03 -2.66
CA MET A 8 12.08 8.06 -3.51
C MET A 8 12.14 6.66 -2.92
N ALA A 9 13.30 6.29 -2.40
CA ALA A 9 13.49 4.97 -1.80
C ALA A 9 12.63 4.81 -0.56
N PHE A 10 12.63 5.82 0.30
CA PHE A 10 11.85 5.80 1.53
C PHE A 10 10.35 5.87 1.24
N TRP A 11 9.96 6.75 0.32
CA TRP A 11 8.55 6.90 -0.03
C TRP A 11 8.00 5.61 -0.66
N HIS A 12 8.79 5.00 -1.54
CA HIS A 12 8.39 3.77 -2.21
C HIS A 12 8.32 2.62 -1.21
N ASP A 13 9.30 2.57 -0.31
CA ASP A 13 9.36 1.51 0.70
C ASP A 13 8.18 1.60 1.65
N LEU A 14 7.84 2.81 2.08
CA LEU A 14 6.72 3.02 3.00
C LEU A 14 5.40 2.84 2.27
N ALA A 15 5.40 3.17 0.97
CA ALA A 15 4.19 3.06 0.16
C ALA A 15 3.82 1.60 -0.09
N ALA A 16 4.82 0.73 -0.22
CA ALA A 16 4.59 -0.68 -0.48
C ALA A 16 3.54 -1.27 0.48
N PRO A 17 3.74 -1.15 1.81
CA PRO A 17 2.78 -1.67 2.80
C PRO A 17 1.49 -0.85 2.85
N VAL A 18 1.58 0.42 2.48
CA VAL A 18 0.43 1.31 2.48
C VAL A 18 -0.57 0.90 1.40
N ILE A 19 -0.05 0.65 0.21
CA ILE A 19 -0.87 0.26 -0.93
C ILE A 19 -1.40 -1.16 -0.74
N ALA A 20 -0.53 -2.05 -0.25
CA ALA A 20 -0.91 -3.44 -0.02
C ALA A 20 -1.97 -3.53 1.07
N GLY A 21 -1.87 -2.65 2.07
CA GLY A 21 -2.83 -2.66 3.15
C GLY A 21 -4.22 -2.30 2.67
N ILE A 22 -4.30 -1.27 1.82
CA ILE A 22 -5.58 -0.82 1.27
C ILE A 22 -6.14 -1.87 0.33
N LEU A 23 -5.25 -2.54 -0.41
CA LEU A 23 -5.65 -3.57 -1.35
C LEU A 23 -6.27 -4.76 -0.62
N ALA A 24 -5.73 -5.06 0.57
CA ALA A 24 -6.23 -6.16 1.37
C ALA A 24 -7.67 -5.90 1.83
N SER A 25 -7.95 -4.65 2.18
CA SER A 25 -9.28 -4.27 2.63
C SER A 25 -10.30 -4.43 1.52
N MET A 26 -9.91 -4.08 0.30
CA MET A 26 -10.81 -4.19 -0.85
C MET A 26 -11.13 -5.65 -1.15
N ILE A 27 -10.14 -6.52 -0.97
CA ILE A 27 -10.32 -7.94 -1.22
C ILE A 27 -11.27 -8.56 -0.20
N VAL A 28 -11.08 -8.20 1.07
CA VAL A 28 -11.93 -8.72 2.14
C VAL A 28 -13.37 -8.22 1.98
N ASN A 29 -13.51 -6.92 1.75
CA ASN A 29 -14.82 -6.30 1.58
C ASN A 29 -15.59 -6.97 0.45
N TRP A 30 -14.88 -7.33 -0.61
CA TRP A 30 -15.48 -7.98 -1.76
C TRP A 30 -15.96 -9.38 -1.39
N LEU A 31 -15.09 -10.13 -0.72
CA LEU A 31 -15.43 -11.49 -0.30
C LEU A 31 -16.59 -11.49 0.68
N ASN A 32 -16.72 -10.42 1.45
CA ASN A 32 -17.79 -10.30 2.43
C ASN A 32 -19.14 -10.08 1.74
N LYS A 33 -19.09 -9.72 0.47
CA LYS A 33 -20.30 -9.49 -0.31
C LYS A 33 -20.78 -10.79 -0.97
N ARG A 34 -19.84 -11.56 -1.51
CA ARG A 34 -20.17 -12.82 -2.17
C ARG A 34 -20.27 -13.95 -1.15
N LYS A 35 -20.72 -13.61 0.07
CA LYS A 35 -20.87 -14.59 1.13
C LYS A 35 -21.86 -15.68 0.74
N MET A 1 -25.08 -12.18 -1.43
CA MET A 1 -23.68 -11.86 -1.77
C MET A 1 -22.71 -12.78 -1.05
N THR A 2 -21.60 -13.09 -1.70
CA THR A 2 -20.59 -13.96 -1.13
C THR A 2 -19.49 -13.16 -0.43
N PHE A 3 -19.30 -13.43 0.85
CA PHE A 3 -18.28 -12.75 1.64
C PHE A 3 -16.89 -13.02 1.07
N ALA A 4 -16.71 -14.22 0.52
CA ALA A 4 -15.43 -14.62 -0.05
C ALA A 4 -15.16 -13.85 -1.34
N GLU A 5 -16.18 -13.71 -2.18
CA GLU A 5 -16.05 -12.99 -3.44
C GLU A 5 -15.81 -11.51 -3.19
N LEU A 6 -16.33 -11.02 -2.07
CA LEU A 6 -16.16 -9.61 -1.72
C LEU A 6 -14.96 -9.45 -0.81
N GLY A 7 -14.45 -10.56 -0.30
CA GLY A 7 -13.30 -10.52 0.58
C GLY A 7 -12.02 -10.12 -0.13
N MET A 8 -11.77 -10.70 -1.29
CA MET A 8 -10.58 -10.39 -2.07
C MET A 8 -10.65 -8.99 -2.66
N ALA A 9 -11.80 -8.63 -3.22
CA ALA A 9 -11.99 -7.32 -3.82
C ALA A 9 -11.85 -6.22 -2.77
N PHE A 10 -12.46 -6.44 -1.61
CA PHE A 10 -12.42 -5.47 -0.52
C PHE A 10 -11.01 -5.38 0.09
N TRP A 11 -10.40 -6.53 0.34
CA TRP A 11 -9.05 -6.56 0.93
C TRP A 11 -8.04 -5.92 -0.02
N HIS A 12 -8.14 -6.23 -1.31
CA HIS A 12 -7.24 -5.68 -2.30
C HIS A 12 -7.46 -4.17 -2.47
N ASP A 13 -8.73 -3.76 -2.46
CA ASP A 13 -9.07 -2.36 -2.63
C ASP A 13 -8.58 -1.52 -1.45
N LEU A 14 -8.76 -2.05 -0.24
CA LEU A 14 -8.33 -1.34 0.97
C LEU A 14 -6.80 -1.39 1.10
N ALA A 15 -6.20 -2.45 0.59
CA ALA A 15 -4.76 -2.62 0.65
C ALA A 15 -4.04 -1.66 -0.27
N ALA A 16 -4.64 -1.36 -1.41
CA ALA A 16 -4.05 -0.44 -2.39
C ALA A 16 -3.54 0.85 -1.73
N PRO A 17 -4.42 1.58 -0.99
CA PRO A 17 -4.01 2.83 -0.32
C PRO A 17 -3.13 2.58 0.88
N VAL A 18 -3.28 1.42 1.50
CA VAL A 18 -2.48 1.05 2.68
C VAL A 18 -1.01 0.88 2.31
N ILE A 19 -0.78 0.12 1.26
CA ILE A 19 0.59 -0.15 0.78
C ILE A 19 1.20 1.10 0.17
N ALA A 20 0.38 1.88 -0.52
CA ALA A 20 0.84 3.11 -1.16
C ALA A 20 1.30 4.14 -0.14
N GLY A 21 0.59 4.20 1.00
CA GLY A 21 0.94 5.14 2.03
C GLY A 21 2.25 4.82 2.70
N ILE A 22 2.44 3.55 3.05
CA ILE A 22 3.67 3.11 3.70
C ILE A 22 4.84 3.18 2.71
N LEU A 23 4.56 2.86 1.45
CA LEU A 23 5.57 2.89 0.41
C LEU A 23 6.08 4.30 0.17
N ALA A 24 5.17 5.27 0.29
CA ALA A 24 5.53 6.67 0.09
C ALA A 24 6.59 7.11 1.09
N SER A 25 6.43 6.69 2.34
CA SER A 25 7.39 7.02 3.40
C SER A 25 8.76 6.43 3.09
N MET A 26 8.75 5.26 2.44
CA MET A 26 9.98 4.57 2.07
C MET A 26 10.72 5.34 0.98
N ILE A 27 9.96 5.79 -0.02
CA ILE A 27 10.54 6.52 -1.13
C ILE A 27 11.17 7.83 -0.65
N VAL A 28 10.48 8.50 0.27
CA VAL A 28 10.98 9.75 0.82
C VAL A 28 12.24 9.53 1.64
N ASN A 29 12.20 8.54 2.52
CA ASN A 29 13.35 8.21 3.37
C ASN A 29 14.57 7.86 2.52
N TRP A 30 14.33 7.19 1.41
CA TRP A 30 15.40 6.79 0.50
C TRP A 30 15.99 8.01 -0.20
N LEU A 31 15.12 8.83 -0.76
CA LEU A 31 15.53 10.03 -1.48
C LEU A 31 16.25 11.00 -0.54
N ASN A 32 15.90 10.95 0.74
CA ASN A 32 16.52 11.84 1.72
C ASN A 32 17.96 11.41 2.00
N LYS A 33 18.31 10.22 1.56
CA LYS A 33 19.66 9.68 1.75
C LYS A 33 20.57 10.05 0.58
N ARG A 34 20.08 9.81 -0.63
CA ARG A 34 20.86 10.11 -1.84
C ARG A 34 20.87 11.61 -2.11
N LYS A 35 19.71 12.24 -1.97
CA LYS A 35 19.57 13.67 -2.20
C LYS A 35 20.07 14.05 -3.60
N MET A 1 -21.42 -17.85 1.40
CA MET A 1 -21.13 -16.48 1.88
C MET A 1 -21.51 -15.45 0.82
N THR A 2 -21.22 -14.17 1.11
CA THR A 2 -21.52 -13.09 0.20
C THR A 2 -20.26 -12.52 -0.43
N PHE A 3 -20.29 -12.31 -1.74
CA PHE A 3 -19.15 -11.75 -2.45
C PHE A 3 -18.86 -10.33 -1.98
N ALA A 4 -19.93 -9.61 -1.63
CA ALA A 4 -19.79 -8.24 -1.15
C ALA A 4 -19.09 -8.21 0.20
N GLU A 5 -19.47 -9.14 1.07
CA GLU A 5 -18.87 -9.24 2.39
C GLU A 5 -17.38 -9.55 2.29
N LEU A 6 -17.03 -10.38 1.32
CA LEU A 6 -15.65 -10.77 1.10
C LEU A 6 -14.94 -9.72 0.25
N GLY A 7 -15.73 -8.84 -0.37
CA GLY A 7 -15.17 -7.81 -1.21
C GLY A 7 -14.38 -6.78 -0.44
N MET A 8 -14.95 -6.30 0.66
CA MET A 8 -14.29 -5.29 1.48
C MET A 8 -13.05 -5.86 2.17
N ALA A 9 -13.21 -7.02 2.80
CA ALA A 9 -12.10 -7.67 3.49
C ALA A 9 -10.95 -7.96 2.53
N PHE A 10 -11.30 -8.47 1.35
CA PHE A 10 -10.30 -8.80 0.33
C PHE A 10 -9.65 -7.55 -0.24
N TRP A 11 -10.45 -6.54 -0.56
CA TRP A 11 -9.93 -5.30 -1.12
C TRP A 11 -9.02 -4.60 -0.12
N HIS A 12 -9.41 -4.62 1.15
CA HIS A 12 -8.62 -3.99 2.20
C HIS A 12 -7.31 -4.74 2.41
N ASP A 13 -7.38 -6.07 2.38
CA ASP A 13 -6.21 -6.91 2.57
C ASP A 13 -5.21 -6.75 1.43
N LEU A 14 -5.72 -6.72 0.19
CA LEU A 14 -4.85 -6.56 -0.97
C LEU A 14 -4.32 -5.15 -1.05
N ALA A 15 -5.10 -4.20 -0.57
CA ALA A 15 -4.72 -2.79 -0.60
C ALA A 15 -3.57 -2.51 0.37
N ALA A 16 -3.57 -3.21 1.51
CA ALA A 16 -2.53 -3.03 2.53
C ALA A 16 -1.12 -3.04 1.91
N PRO A 17 -0.74 -4.11 1.17
CA PRO A 17 0.59 -4.19 0.54
C PRO A 17 0.74 -3.24 -0.63
N VAL A 18 -0.39 -2.90 -1.26
CA VAL A 18 -0.38 -1.99 -2.42
C VAL A 18 0.01 -0.58 -1.97
N ILE A 19 -0.63 -0.11 -0.92
CA ILE A 19 -0.36 1.22 -0.38
C ILE A 19 1.00 1.29 0.28
N ALA A 20 1.38 0.20 0.96
CA ALA A 20 2.66 0.14 1.64
C ALA A 20 3.81 0.08 0.63
N GLY A 21 3.57 -0.58 -0.50
CA GLY A 21 4.59 -0.68 -1.52
C GLY A 21 4.89 0.65 -2.18
N ILE A 22 3.84 1.38 -2.54
CA ILE A 22 4.01 2.68 -3.17
C ILE A 22 4.57 3.70 -2.18
N LEU A 23 4.13 3.61 -0.93
CA LEU A 23 4.60 4.50 0.11
C LEU A 23 6.08 4.29 0.37
N ALA A 24 6.51 3.04 0.31
CA ALA A 24 7.90 2.69 0.54
C ALA A 24 8.80 3.34 -0.53
N SER A 25 8.36 3.29 -1.78
CA SER A 25 9.11 3.86 -2.88
C SER A 25 9.30 5.36 -2.68
N MET A 26 8.29 6.02 -2.15
CA MET A 26 8.36 7.46 -1.91
C MET A 26 9.35 7.78 -0.80
N ILE A 27 9.39 6.93 0.22
CA ILE A 27 10.30 7.12 1.35
C ILE A 27 11.75 6.94 0.90
N VAL A 28 12.00 5.93 0.08
CA VAL A 28 13.34 5.66 -0.41
C VAL A 28 13.82 6.78 -1.33
N ASN A 29 12.93 7.26 -2.20
CA ASN A 29 13.27 8.33 -3.13
C ASN A 29 13.71 9.59 -2.36
N TRP A 30 13.03 9.86 -1.26
CA TRP A 30 13.35 11.02 -0.43
C TRP A 30 14.69 10.84 0.27
N LEU A 31 14.89 9.69 0.89
CA LEU A 31 16.12 9.39 1.60
C LEU A 31 17.33 9.39 0.66
N ASN A 32 17.10 9.00 -0.59
CA ASN A 32 18.16 8.95 -1.58
C ASN A 32 18.61 10.36 -1.96
N LYS A 33 17.80 11.35 -1.57
CA LYS A 33 18.11 12.75 -1.85
C LYS A 33 18.89 13.36 -0.70
N ARG A 34 18.51 13.00 0.53
CA ARG A 34 19.18 13.52 1.71
C ARG A 34 20.33 12.62 2.13
N LYS A 35 20.83 11.82 1.19
CA LYS A 35 21.93 10.90 1.46
C LYS A 35 23.14 11.65 2.01
N MET A 1 -25.55 -11.68 -1.21
CA MET A 1 -24.13 -11.25 -1.31
C MET A 1 -23.20 -12.30 -0.71
N THR A 2 -22.00 -12.38 -1.28
CA THR A 2 -21.00 -13.35 -0.81
C THR A 2 -19.84 -12.65 -0.14
N PHE A 3 -19.58 -13.00 1.11
CA PHE A 3 -18.48 -12.42 1.87
C PHE A 3 -17.14 -12.76 1.24
N ALA A 4 -17.05 -13.95 0.65
CA ALA A 4 -15.82 -14.40 0.01
C ALA A 4 -15.57 -13.61 -1.26
N GLU A 5 -16.62 -13.39 -2.05
CA GLU A 5 -16.51 -12.64 -3.29
C GLU A 5 -16.18 -11.18 -3.01
N LEU A 6 -16.70 -10.66 -1.90
CA LEU A 6 -16.45 -9.27 -1.52
C LEU A 6 -15.18 -9.18 -0.69
N GLY A 7 -14.69 -10.34 -0.24
CA GLY A 7 -13.49 -10.37 0.56
C GLY A 7 -12.25 -9.97 -0.23
N MET A 8 -12.09 -10.58 -1.41
CA MET A 8 -10.94 -10.28 -2.26
C MET A 8 -11.00 -8.86 -2.78
N ALA A 9 -12.17 -8.45 -3.25
CA ALA A 9 -12.36 -7.10 -3.79
C ALA A 9 -12.09 -6.04 -2.72
N PHE A 10 -12.62 -6.27 -1.52
CA PHE A 10 -12.44 -5.35 -0.41
C PHE A 10 -11.00 -5.34 0.09
N TRP A 11 -10.42 -6.53 0.26
CA TRP A 11 -9.04 -6.64 0.73
C TRP A 11 -8.07 -6.01 -0.25
N HIS A 12 -8.31 -6.22 -1.55
CA HIS A 12 -7.46 -5.66 -2.59
C HIS A 12 -7.60 -4.15 -2.65
N ASP A 13 -8.82 -3.66 -2.49
CA ASP A 13 -9.09 -2.23 -2.51
C ASP A 13 -8.46 -1.51 -1.33
N LEU A 14 -8.57 -2.11 -0.15
CA LEU A 14 -7.98 -1.53 1.05
C LEU A 14 -6.46 -1.67 1.04
N ALA A 15 -5.98 -2.74 0.40
CA ALA A 15 -4.55 -3.01 0.33
C ALA A 15 -3.85 -2.01 -0.58
N ALA A 16 -4.54 -1.59 -1.65
CA ALA A 16 -3.97 -0.64 -2.61
C ALA A 16 -3.30 0.55 -1.90
N PRO A 17 -4.03 1.28 -1.03
CA PRO A 17 -3.46 2.42 -0.30
C PRO A 17 -2.45 2.00 0.77
N VAL A 18 -2.60 0.77 1.25
CA VAL A 18 -1.72 0.24 2.28
C VAL A 18 -0.31 -0.01 1.72
N ILE A 19 -0.26 -0.67 0.58
CA ILE A 19 1.01 -0.97 -0.07
C ILE A 19 1.66 0.29 -0.62
N ALA A 20 0.86 1.14 -1.24
CA ALA A 20 1.35 2.39 -1.80
C ALA A 20 1.83 3.34 -0.72
N GLY A 21 1.16 3.30 0.43
CA GLY A 21 1.54 4.17 1.54
C GLY A 21 2.89 3.81 2.12
N ILE A 22 3.13 2.52 2.33
CA ILE A 22 4.39 2.05 2.87
C ILE A 22 5.53 2.26 1.87
N LEU A 23 5.26 1.97 0.60
CA LEU A 23 6.26 2.12 -0.45
C LEU A 23 6.64 3.58 -0.60
N ALA A 24 5.65 4.46 -0.46
CA ALA A 24 5.88 5.89 -0.59
C ALA A 24 6.80 6.40 0.51
N SER A 25 6.61 5.87 1.71
CA SER A 25 7.41 6.25 2.87
C SER A 25 8.88 5.89 2.66
N MET A 26 9.12 4.71 2.08
CA MET A 26 10.47 4.24 1.83
C MET A 26 11.17 5.10 0.79
N ILE A 27 10.44 5.46 -0.27
CA ILE A 27 10.99 6.28 -1.35
C ILE A 27 11.37 7.66 -0.84
N VAL A 28 10.51 8.24 -0.01
CA VAL A 28 10.76 9.57 0.56
C VAL A 28 11.95 9.53 1.52
N ASN A 29 12.03 8.49 2.33
CA ASN A 29 13.12 8.35 3.29
C ASN A 29 14.46 8.22 2.57
N TRP A 30 14.47 7.43 1.50
CA TRP A 30 15.69 7.22 0.73
C TRP A 30 16.14 8.50 0.02
N LEU A 31 15.22 9.15 -0.68
CA LEU A 31 15.52 10.38 -1.38
C LEU A 31 15.94 11.49 -0.43
N ASN A 32 15.27 11.58 0.71
CA ASN A 32 15.58 12.60 1.71
C ASN A 32 16.96 12.32 2.33
N LYS A 33 17.46 11.11 2.12
CA LYS A 33 18.76 10.71 2.63
C LYS A 33 19.87 11.07 1.65
N ARG A 34 19.56 10.97 0.36
CA ARG A 34 20.52 11.29 -0.68
C ARG A 34 20.38 12.74 -1.13
N LYS A 35 19.37 13.42 -0.59
CA LYS A 35 19.11 14.82 -0.93
C LYS A 35 18.90 14.99 -2.43
N MET A 1 24.34 11.72 2.83
CA MET A 1 23.50 11.05 1.81
C MET A 1 22.67 12.06 1.04
N THR A 2 21.95 11.59 0.03
CA THR A 2 21.11 12.45 -0.80
C THR A 2 19.64 12.28 -0.46
N PHE A 3 18.95 13.39 -0.27
CA PHE A 3 17.53 13.36 0.04
C PHE A 3 16.73 12.77 -1.11
N ALA A 4 17.19 13.02 -2.33
CA ALA A 4 16.52 12.50 -3.52
C ALA A 4 16.66 10.98 -3.59
N GLU A 5 17.84 10.48 -3.25
CA GLU A 5 18.10 9.05 -3.27
C GLU A 5 17.28 8.35 -2.19
N LEU A 6 17.17 8.98 -1.02
CA LEU A 6 16.41 8.42 0.08
C LEU A 6 14.93 8.72 -0.09
N GLY A 7 14.62 9.64 -1.00
CA GLY A 7 13.23 10.01 -1.24
C GLY A 7 12.43 8.89 -1.86
N MET A 8 13.01 8.23 -2.87
CA MET A 8 12.35 7.14 -3.56
C MET A 8 12.29 5.89 -2.69
N ALA A 9 13.39 5.61 -1.99
CA ALA A 9 13.45 4.44 -1.12
C ALA A 9 12.49 4.58 0.06
N PHE A 10 12.46 5.78 0.63
CA PHE A 10 11.58 6.06 1.77
C PHE A 10 10.12 6.08 1.33
N TRP A 11 9.83 6.74 0.22
CA TRP A 11 8.46 6.81 -0.29
C TRP A 11 7.93 5.43 -0.65
N HIS A 12 8.76 4.64 -1.31
CA HIS A 12 8.38 3.29 -1.72
C HIS A 12 8.21 2.39 -0.51
N ASP A 13 9.12 2.53 0.46
CA ASP A 13 9.07 1.71 1.68
C ASP A 13 7.82 2.02 2.50
N LEU A 14 7.49 3.30 2.62
CA LEU A 14 6.32 3.71 3.38
C LEU A 14 5.05 3.39 2.61
N ALA A 15 5.14 3.41 1.29
CA ALA A 15 4.00 3.13 0.43
C ALA A 15 3.62 1.65 0.46
N ALA A 16 4.60 0.78 0.60
CA ALA A 16 4.36 -0.66 0.63
C ALA A 16 3.23 -1.02 1.61
N PRO A 17 3.33 -0.61 2.90
CA PRO A 17 2.29 -0.90 3.89
C PRO A 17 1.02 -0.08 3.68
N VAL A 18 1.18 1.09 3.07
CA VAL A 18 0.05 1.98 2.80
C VAL A 18 -0.87 1.38 1.74
N ILE A 19 -0.27 0.91 0.66
CA ILE A 19 -1.02 0.29 -0.43
C ILE A 19 -1.60 -1.05 -0.01
N ALA A 20 -0.81 -1.84 0.68
CA ALA A 20 -1.24 -3.16 1.15
C ALA A 20 -2.46 -3.04 2.06
N GLY A 21 -2.50 -1.97 2.85
CA GLY A 21 -3.61 -1.75 3.75
C GLY A 21 -4.91 -1.49 3.01
N ILE A 22 -4.84 -0.64 1.99
CA ILE A 22 -6.01 -0.32 1.18
C ILE A 22 -6.46 -1.53 0.37
N LEU A 23 -5.49 -2.28 -0.14
CA LEU A 23 -5.77 -3.47 -0.94
C LEU A 23 -6.48 -4.51 -0.10
N ALA A 24 -6.10 -4.59 1.18
CA ALA A 24 -6.70 -5.55 2.09
C ALA A 24 -8.18 -5.24 2.31
N SER A 25 -8.50 -3.95 2.35
CA SER A 25 -9.88 -3.52 2.56
C SER A 25 -10.76 -3.91 1.36
N MET A 26 -10.19 -3.82 0.16
CA MET A 26 -10.93 -4.17 -1.05
C MET A 26 -11.17 -5.67 -1.13
N ILE A 27 -10.16 -6.46 -0.77
CA ILE A 27 -10.27 -7.91 -0.80
C ILE A 27 -11.34 -8.40 0.17
N VAL A 28 -11.36 -7.80 1.36
CA VAL A 28 -12.34 -8.18 2.38
C VAL A 28 -13.74 -7.77 1.95
N ASN A 29 -13.89 -6.51 1.54
CA ASN A 29 -15.18 -5.99 1.09
C ASN A 29 -15.72 -6.81 -0.08
N TRP A 30 -14.82 -7.32 -0.91
CA TRP A 30 -15.21 -8.13 -2.05
C TRP A 30 -15.75 -9.49 -1.60
N LEU A 31 -14.99 -10.17 -0.74
CA LEU A 31 -15.40 -11.47 -0.23
C LEU A 31 -16.66 -11.38 0.61
N ASN A 32 -16.89 -10.23 1.22
CA ASN A 32 -18.06 -10.01 2.06
C ASN A 32 -19.36 -10.02 1.25
N LYS A 33 -19.28 -9.58 -0.01
CA LYS A 33 -20.46 -9.53 -0.86
C LYS A 33 -20.71 -10.87 -1.54
N ARG A 34 -19.68 -11.72 -1.59
CA ARG A 34 -19.81 -13.03 -2.21
C ARG A 34 -19.74 -14.15 -1.17
N LYS A 35 -19.80 -13.77 0.10
CA LYS A 35 -19.73 -14.73 1.20
C LYS A 35 -18.45 -15.55 1.13
N MET A 1 -24.85 -11.60 -2.78
CA MET A 1 -23.52 -12.20 -3.02
C MET A 1 -22.91 -12.74 -1.74
N THR A 2 -21.73 -13.33 -1.84
CA THR A 2 -21.05 -13.89 -0.68
C THR A 2 -20.06 -12.90 -0.08
N PHE A 3 -20.06 -12.82 1.25
CA PHE A 3 -19.16 -11.91 1.95
C PHE A 3 -17.72 -12.32 1.73
N ALA A 4 -17.48 -13.62 1.63
CA ALA A 4 -16.13 -14.13 1.42
C ALA A 4 -15.63 -13.76 0.03
N GLU A 5 -16.52 -13.87 -0.96
CA GLU A 5 -16.16 -13.54 -2.34
C GLU A 5 -15.84 -12.06 -2.45
N LEU A 6 -16.50 -11.25 -1.62
CA LEU A 6 -16.28 -9.80 -1.63
C LEU A 6 -15.18 -9.45 -0.64
N GLY A 7 -14.84 -10.40 0.21
CA GLY A 7 -13.80 -10.17 1.20
C GLY A 7 -12.44 -9.99 0.57
N MET A 8 -12.13 -10.81 -0.44
CA MET A 8 -10.84 -10.72 -1.12
C MET A 8 -10.78 -9.48 -2.01
N ALA A 9 -11.85 -9.22 -2.76
CA ALA A 9 -11.89 -8.06 -3.64
C ALA A 9 -11.81 -6.76 -2.84
N PHE A 10 -12.53 -6.70 -1.73
CA PHE A 10 -12.55 -5.53 -0.87
C PHE A 10 -11.21 -5.36 -0.16
N TRP A 11 -10.69 -6.44 0.40
CA TRP A 11 -9.41 -6.39 1.11
C TRP A 11 -8.28 -6.00 0.16
N HIS A 12 -8.29 -6.54 -1.04
CA HIS A 12 -7.27 -6.23 -2.03
C HIS A 12 -7.38 -4.80 -2.52
N ASP A 13 -8.61 -4.34 -2.71
CA ASP A 13 -8.86 -2.97 -3.18
C ASP A 13 -8.40 -1.95 -2.13
N LEU A 14 -8.72 -2.22 -0.86
CA LEU A 14 -8.32 -1.32 0.21
C LEU A 14 -6.83 -1.42 0.48
N ALA A 15 -6.28 -2.60 0.24
CA ALA A 15 -4.86 -2.85 0.46
C ALA A 15 -4.00 -2.11 -0.56
N ALA A 16 -4.50 -2.00 -1.78
CA ALA A 16 -3.76 -1.31 -2.86
C ALA A 16 -3.19 0.04 -2.39
N PRO A 17 -4.04 0.95 -1.87
CA PRO A 17 -3.58 2.26 -1.39
C PRO A 17 -2.77 2.16 -0.10
N VAL A 18 -3.02 1.09 0.66
CA VAL A 18 -2.32 0.87 1.92
C VAL A 18 -0.86 0.51 1.67
N ILE A 19 -0.65 -0.40 0.73
CA ILE A 19 0.70 -0.85 0.38
C ILE A 19 1.46 0.26 -0.35
N ALA A 20 0.80 0.92 -1.28
CA ALA A 20 1.41 2.00 -2.04
C ALA A 20 1.84 3.14 -1.13
N GLY A 21 1.06 3.37 -0.08
CA GLY A 21 1.38 4.43 0.87
C GLY A 21 2.67 4.16 1.61
N ILE A 22 2.84 2.93 2.07
CA ILE A 22 4.04 2.55 2.81
C ILE A 22 5.27 2.63 1.90
N LEU A 23 5.09 2.21 0.66
CA LEU A 23 6.17 2.22 -0.32
C LEU A 23 6.65 3.65 -0.58
N ALA A 24 5.71 4.58 -0.57
CA ALA A 24 6.01 5.99 -0.80
C ALA A 24 6.92 6.53 0.31
N SER A 25 6.64 6.13 1.54
CA SER A 25 7.43 6.58 2.69
C SER A 25 8.87 6.10 2.58
N MET A 26 9.06 4.90 2.04
CA MET A 26 10.40 4.33 1.90
C MET A 26 11.18 5.08 0.82
N ILE A 27 10.51 5.46 -0.25
CA ILE A 27 11.16 6.20 -1.34
C ILE A 27 11.58 7.58 -0.87
N VAL A 28 10.72 8.24 -0.12
CA VAL A 28 11.01 9.58 0.40
C VAL A 28 12.19 9.53 1.36
N ASN A 29 12.19 8.53 2.25
CA ASN A 29 13.26 8.36 3.21
C ASN A 29 14.60 8.16 2.49
N TRP A 30 14.54 7.49 1.36
CA TRP A 30 15.74 7.23 0.56
C TRP A 30 16.29 8.54 -0.01
N LEU A 31 15.41 9.34 -0.59
CA LEU A 31 15.81 10.62 -1.17
C LEU A 31 16.33 11.57 -0.10
N ASN A 32 15.85 11.40 1.13
CA ASN A 32 16.26 12.25 2.25
C ASN A 32 17.73 12.06 2.60
N LYS A 33 18.24 10.83 2.46
CA LYS A 33 19.63 10.54 2.79
C LYS A 33 20.57 10.98 1.66
N ARG A 34 20.02 11.12 0.46
CA ARG A 34 20.82 11.54 -0.69
C ARG A 34 20.53 12.98 -1.06
N LYS A 35 19.60 13.60 -0.34
CA LYS A 35 19.23 14.99 -0.58
C LYS A 35 18.79 15.20 -2.03
N MET A 1 21.29 15.86 -2.99
CA MET A 1 20.44 15.58 -1.80
C MET A 1 20.85 14.28 -1.12
N THR A 2 20.50 14.15 0.15
CA THR A 2 20.84 12.96 0.92
C THR A 2 19.94 11.79 0.56
N PHE A 3 20.55 10.64 0.32
CA PHE A 3 19.80 9.44 -0.05
C PHE A 3 18.89 9.01 1.10
N ALA A 4 19.35 9.24 2.33
CA ALA A 4 18.58 8.89 3.51
C ALA A 4 17.34 9.78 3.63
N GLU A 5 17.51 11.06 3.33
CA GLU A 5 16.40 12.00 3.40
C GLU A 5 15.37 11.70 2.32
N LEU A 6 15.86 11.28 1.16
CA LEU A 6 14.97 10.95 0.04
C LEU A 6 14.50 9.50 0.16
N GLY A 7 15.17 8.75 1.04
CA GLY A 7 14.82 7.35 1.22
C GLY A 7 13.45 7.16 1.84
N MET A 8 13.22 7.83 2.97
CA MET A 8 11.94 7.71 3.67
C MET A 8 10.80 8.27 2.83
N ALA A 9 11.01 9.44 2.24
CA ALA A 9 9.99 10.08 1.42
C ALA A 9 9.63 9.22 0.21
N PHE A 10 10.66 8.70 -0.46
CA PHE A 10 10.46 7.86 -1.64
C PHE A 10 9.84 6.52 -1.26
N TRP A 11 10.32 5.91 -0.19
CA TRP A 11 9.80 4.62 0.26
C TRP A 11 8.34 4.74 0.69
N HIS A 12 8.04 5.80 1.43
CA HIS A 12 6.69 6.03 1.91
C HIS A 12 5.75 6.36 0.75
N ASP A 13 6.25 7.15 -0.20
CA ASP A 13 5.45 7.54 -1.36
C ASP A 13 5.15 6.34 -2.25
N LEU A 14 6.16 5.50 -2.46
CA LEU A 14 5.98 4.31 -3.29
C LEU A 14 5.15 3.26 -2.55
N ALA A 15 5.27 3.26 -1.23
CA ALA A 15 4.54 2.32 -0.39
C ALA A 15 3.04 2.62 -0.38
N ALA A 16 2.70 3.90 -0.44
CA ALA A 16 1.31 4.32 -0.43
C ALA A 16 0.45 3.51 -1.42
N PRO A 17 0.82 3.48 -2.72
CA PRO A 17 0.07 2.71 -3.72
C PRO A 17 0.24 1.21 -3.56
N VAL A 18 1.36 0.80 -2.96
CA VAL A 18 1.65 -0.61 -2.75
C VAL A 18 0.70 -1.20 -1.72
N ILE A 19 0.57 -0.52 -0.59
CA ILE A 19 -0.31 -0.96 0.49
C ILE A 19 -1.77 -0.83 0.09
N ALA A 20 -2.08 0.25 -0.63
CA ALA A 20 -3.45 0.51 -1.08
C ALA A 20 -3.89 -0.55 -2.09
N GLY A 21 -2.96 -0.96 -2.95
CA GLY A 21 -3.28 -1.97 -3.95
C GLY A 21 -3.60 -3.31 -3.33
N ILE A 22 -2.79 -3.72 -2.36
CA ILE A 22 -2.99 -4.99 -1.67
C ILE A 22 -4.25 -4.94 -0.81
N LEU A 23 -4.49 -3.78 -0.21
CA LEU A 23 -5.66 -3.59 0.64
C LEU A 23 -6.95 -3.72 -0.16
N ALA A 24 -6.93 -3.18 -1.38
CA ALA A 24 -8.09 -3.23 -2.25
C ALA A 24 -8.48 -4.68 -2.56
N SER A 25 -7.49 -5.51 -2.84
CA SER A 25 -7.72 -6.92 -3.14
C SER A 25 -8.35 -7.65 -1.96
N MET A 26 -7.92 -7.32 -0.75
CA MET A 26 -8.44 -7.95 0.46
C MET A 26 -9.89 -7.55 0.69
N ILE A 27 -10.21 -6.27 0.49
CA ILE A 27 -11.56 -5.78 0.68
C ILE A 27 -12.52 -6.42 -0.32
N VAL A 28 -12.09 -6.55 -1.57
CA VAL A 28 -12.91 -7.16 -2.60
C VAL A 28 -13.14 -8.64 -2.34
N ASN A 29 -12.09 -9.32 -1.89
CA ASN A 29 -12.18 -10.75 -1.58
C ASN A 29 -13.17 -11.01 -0.45
N TRP A 30 -13.18 -10.10 0.52
CA TRP A 30 -14.09 -10.22 1.67
C TRP A 30 -15.53 -9.97 1.25
N LEU A 31 -15.76 -8.89 0.53
CA LEU A 31 -17.11 -8.54 0.07
C LEU A 31 -17.66 -9.59 -0.90
N ASN A 32 -16.77 -10.20 -1.68
CA ASN A 32 -17.18 -11.21 -2.66
C ASN A 32 -17.54 -12.53 -2.01
N LYS A 33 -16.93 -12.83 -0.87
CA LYS A 33 -17.19 -14.09 -0.17
C LYS A 33 -18.35 -13.95 0.83
N ARG A 34 -18.60 -12.73 1.28
CA ARG A 34 -19.67 -12.47 2.24
C ARG A 34 -21.00 -12.25 1.52
N LYS A 35 -21.06 -12.70 0.26
CA LYS A 35 -22.27 -12.54 -0.54
C LYS A 35 -23.46 -13.25 0.11
N MET A 1 21.17 16.03 -2.72
CA MET A 1 20.33 15.73 -1.54
C MET A 1 20.74 14.41 -0.90
N THR A 2 20.53 14.31 0.42
CA THR A 2 20.88 13.10 1.15
C THR A 2 20.02 11.91 0.72
N PHE A 3 20.68 10.81 0.40
CA PHE A 3 19.97 9.60 -0.02
C PHE A 3 19.10 9.07 1.11
N ALA A 4 19.56 9.24 2.34
CA ALA A 4 18.83 8.78 3.51
C ALA A 4 17.56 9.61 3.70
N GLU A 5 17.67 10.92 3.48
CA GLU A 5 16.52 11.80 3.63
C GLU A 5 15.50 11.55 2.52
N LEU A 6 15.98 11.27 1.32
CA LEU A 6 15.10 11.00 0.19
C LEU A 6 14.67 9.53 0.20
N GLY A 7 15.36 8.74 1.00
CA GLY A 7 15.04 7.33 1.09
C GLY A 7 13.71 7.07 1.78
N MET A 8 13.47 7.78 2.87
CA MET A 8 12.21 7.62 3.61
C MET A 8 11.04 8.21 2.84
N ALA A 9 11.23 9.41 2.30
CA ALA A 9 10.18 10.08 1.54
C ALA A 9 9.83 9.28 0.28
N PHE A 10 10.85 8.77 -0.39
CA PHE A 10 10.65 7.98 -1.61
C PHE A 10 10.01 6.63 -1.30
N TRP A 11 10.50 5.96 -0.25
CA TRP A 11 9.96 4.67 0.14
C TRP A 11 8.52 4.79 0.59
N HIS A 12 8.24 5.83 1.36
CA HIS A 12 6.89 6.06 1.87
C HIS A 12 5.94 6.44 0.73
N ASP A 13 6.43 7.27 -0.18
CA ASP A 13 5.64 7.71 -1.32
C ASP A 13 5.32 6.55 -2.26
N LEU A 14 6.30 5.70 -2.52
CA LEU A 14 6.10 4.55 -3.40
C LEU A 14 5.27 3.49 -2.70
N ALA A 15 5.40 3.41 -1.38
CA ALA A 15 4.67 2.44 -0.58
C ALA A 15 3.18 2.75 -0.54
N ALA A 16 2.84 4.04 -0.53
CA ALA A 16 1.44 4.47 -0.47
C ALA A 16 0.57 3.72 -1.49
N PRO A 17 0.92 3.75 -2.80
CA PRO A 17 0.16 3.05 -3.83
C PRO A 17 0.31 1.53 -3.75
N VAL A 18 1.45 1.08 -3.21
CA VAL A 18 1.74 -0.35 -3.07
C VAL A 18 0.83 -1.00 -2.02
N ILE A 19 0.72 -0.36 -0.86
CA ILE A 19 -0.09 -0.87 0.23
C ILE A 19 -1.58 -0.76 -0.10
N ALA A 20 -1.98 0.38 -0.65
CA ALA A 20 -3.38 0.62 -1.01
C ALA A 20 -3.87 -0.44 -1.98
N GLY A 21 -3.01 -0.87 -2.90
CA GLY A 21 -3.38 -1.88 -3.86
C GLY A 21 -3.68 -3.21 -3.23
N ILE A 22 -2.82 -3.62 -2.30
CA ILE A 22 -2.99 -4.88 -1.59
C ILE A 22 -4.20 -4.83 -0.68
N LEU A 23 -4.43 -3.67 -0.09
CA LEU A 23 -5.56 -3.47 0.82
C LEU A 23 -6.88 -3.64 0.07
N ALA A 24 -6.90 -3.22 -1.19
CA ALA A 24 -8.10 -3.33 -2.02
C ALA A 24 -8.46 -4.78 -2.25
N SER A 25 -7.45 -5.60 -2.52
CA SER A 25 -7.66 -7.03 -2.75
C SER A 25 -8.34 -7.67 -1.55
N MET A 26 -7.98 -7.19 -0.36
CA MET A 26 -8.55 -7.71 0.87
C MET A 26 -10.05 -7.42 0.94
N ILE A 27 -10.42 -6.20 0.58
CA ILE A 27 -11.81 -5.78 0.58
C ILE A 27 -12.63 -6.61 -0.40
N VAL A 28 -12.10 -6.76 -1.62
CA VAL A 28 -12.78 -7.53 -2.66
C VAL A 28 -12.96 -8.97 -2.22
N ASN A 29 -11.93 -9.54 -1.59
CA ASN A 29 -11.99 -10.91 -1.12
C ASN A 29 -13.08 -11.09 -0.07
N TRP A 30 -13.27 -10.05 0.73
CA TRP A 30 -14.29 -10.06 1.79
C TRP A 30 -15.70 -10.03 1.18
N LEU A 31 -15.92 -9.09 0.27
CA LEU A 31 -17.23 -8.95 -0.38
C LEU A 31 -17.57 -10.20 -1.19
N ASN A 32 -16.56 -10.89 -1.69
CA ASN A 32 -16.77 -12.10 -2.48
C ASN A 32 -17.36 -13.22 -1.62
N LYS A 33 -17.13 -13.13 -0.31
CA LYS A 33 -17.65 -14.13 0.62
C LYS A 33 -19.12 -13.87 0.93
N ARG A 34 -19.44 -12.62 1.23
CA ARG A 34 -20.81 -12.25 1.56
C ARG A 34 -21.63 -11.97 0.30
N LYS A 35 -21.76 -12.99 -0.55
CA LYS A 35 -22.53 -12.85 -1.79
C LYS A 35 -23.95 -12.38 -1.50
N MET A 1 24.80 11.42 1.48
CA MET A 1 23.61 10.98 0.73
C MET A 1 22.65 12.15 0.52
N THR A 2 21.79 12.02 -0.49
CA THR A 2 20.83 13.07 -0.81
C THR A 2 19.44 12.72 -0.29
N PHE A 3 18.76 13.73 0.24
CA PHE A 3 17.41 13.54 0.77
C PHE A 3 16.48 13.11 -0.36
N ALA A 4 16.72 13.62 -1.55
CA ALA A 4 15.92 13.29 -2.71
C ALA A 4 16.12 11.82 -3.09
N GLU A 5 17.35 11.35 -2.93
CA GLU A 5 17.68 9.96 -3.25
C GLU A 5 17.01 9.02 -2.25
N LEU A 6 17.03 9.41 -0.98
CA LEU A 6 16.41 8.60 0.07
C LEU A 6 14.90 8.83 0.08
N GLY A 7 14.47 9.87 -0.62
CA GLY A 7 13.06 10.19 -0.69
C GLY A 7 12.25 9.14 -1.42
N MET A 8 12.71 8.75 -2.61
CA MET A 8 12.02 7.76 -3.41
C MET A 8 12.06 6.38 -2.75
N ALA A 9 13.23 5.99 -2.28
CA ALA A 9 13.40 4.70 -1.63
C ALA A 9 12.52 4.58 -0.38
N PHE A 10 12.54 5.62 0.44
CA PHE A 10 11.75 5.65 1.67
C PHE A 10 10.25 5.73 1.38
N TRP A 11 9.87 6.60 0.45
CA TRP A 11 8.47 6.77 0.10
C TRP A 11 7.90 5.49 -0.50
N HIS A 12 8.68 4.86 -1.37
CA HIS A 12 8.26 3.62 -2.02
C HIS A 12 8.18 2.48 -1.01
N ASP A 13 9.15 2.44 -0.10
CA ASP A 13 9.20 1.39 0.91
C ASP A 13 8.02 1.50 1.88
N LEU A 14 7.72 2.73 2.30
CA LEU A 14 6.61 2.97 3.20
C LEU A 14 5.27 2.82 2.49
N ALA A 15 5.27 3.13 1.20
CA ALA A 15 4.06 3.03 0.38
C ALA A 15 3.66 1.57 0.15
N ALA A 16 4.64 0.69 0.02
CA ALA A 16 4.38 -0.71 -0.22
C ALA A 16 3.33 -1.28 0.76
N PRO A 17 3.55 -1.15 2.08
CA PRO A 17 2.59 -1.66 3.08
C PRO A 17 1.32 -0.81 3.16
N VAL A 18 1.44 0.47 2.80
CA VAL A 18 0.30 1.37 2.82
C VAL A 18 -0.72 1.00 1.77
N ILE A 19 -0.25 0.77 0.55
CA ILE A 19 -1.09 0.41 -0.57
C ILE A 19 -1.66 -0.99 -0.40
N ALA A 20 -0.79 -1.94 -0.07
CA ALA A 20 -1.18 -3.33 0.12
C ALA A 20 -2.21 -3.46 1.23
N GLY A 21 -2.05 -2.63 2.27
CA GLY A 21 -2.97 -2.67 3.39
C GLY A 21 -4.38 -2.25 3.00
N ILE A 22 -4.47 -1.15 2.25
CA ILE A 22 -5.76 -0.64 1.80
C ILE A 22 -6.40 -1.61 0.81
N LEU A 23 -5.58 -2.19 -0.06
CA LEU A 23 -6.07 -3.13 -1.07
C LEU A 23 -6.60 -4.38 -0.41
N ALA A 24 -5.93 -4.83 0.64
CA ALA A 24 -6.33 -6.04 1.36
C ALA A 24 -7.74 -5.90 1.92
N SER A 25 -8.04 -4.74 2.48
CA SER A 25 -9.36 -4.48 3.06
C SER A 25 -10.44 -4.47 1.97
N MET A 26 -10.11 -3.93 0.81
CA MET A 26 -11.06 -3.87 -0.29
C MET A 26 -11.37 -5.27 -0.81
N ILE A 27 -10.35 -6.12 -0.92
CA ILE A 27 -10.52 -7.48 -1.39
C ILE A 27 -11.39 -8.28 -0.43
N VAL A 28 -11.14 -8.11 0.86
CA VAL A 28 -11.90 -8.82 1.90
C VAL A 28 -13.34 -8.35 1.93
N ASN A 29 -13.55 -7.04 1.79
CA ASN A 29 -14.89 -6.47 1.79
C ASN A 29 -15.75 -7.08 0.69
N TRP A 30 -15.17 -7.16 -0.51
CA TRP A 30 -15.86 -7.74 -1.65
C TRP A 30 -16.18 -9.21 -1.42
N LEU A 31 -15.20 -9.95 -0.91
CA LEU A 31 -15.37 -11.37 -0.64
C LEU A 31 -16.44 -11.60 0.43
N ASN A 32 -16.57 -10.64 1.35
CA ASN A 32 -17.57 -10.74 2.40
C ASN A 32 -18.97 -10.55 1.83
N LYS A 33 -19.03 -10.04 0.61
CA LYS A 33 -20.30 -9.81 -0.06
C LYS A 33 -20.71 -11.03 -0.88
N ARG A 34 -19.72 -11.68 -1.49
CA ARG A 34 -19.96 -12.88 -2.30
C ARG A 34 -19.80 -14.14 -1.45
N LYS A 35 -19.36 -13.97 -0.22
CA LYS A 35 -19.15 -15.09 0.70
C LYS A 35 -18.19 -16.11 0.10
#